data_3IWE
#
_entry.id   3IWE
#
_cell.length_a   58.287
_cell.length_b   77.654
_cell.length_c   179.568
_cell.angle_alpha   90.00
_cell.angle_beta   90.00
_cell.angle_gamma   90.00
#
_symmetry.space_group_name_H-M   'P 2 21 21'
#
loop_
_entity.id
_entity.type
_entity.pdbx_description
1 polymer 'Glycylpeptide N-tetradecanoyltransferase 1'
2 non-polymer TETRADECANOYL-COA
3 non-polymer 2,6-dichloro-4-(2-piperazin-1-ylpyridin-4-yl)-N-(1,3,5-trimethyl-1H-pyrazol-4-yl)benzenesulfonamide
4 water water
#
_entity_poly.entity_id   1
_entity_poly.type   'polypeptide(L)'
_entity_poly.pdbx_seq_one_letter_code
;GRSYQFWDTQPVPKLGEVVNTHGPVEPDKDNIRQEPYTLPQGFTWDALDLGDRGVLKELYTLLNENYVEDDDNMFRFDYS
PEFLLWALRPPGWLPQWHCGVRVVSSRKLVGFISAIPANIHIYDTEKKMVEINFLCVHKKLRSKRVAPVLIREITRRVHL
EGIFQAVYTAGVVLPKPVGTCRYWHRSLNPRKLIEVKFSHLSRNMTMQRTMKLYRLPETPKTAGLRPMETKDIPVVHQLL
TRYLKQFHLTPVMSQEEVEHWFYPQENIIDTFVVENANGEVTDFLSFYTLPSTIMNHPTHKSLKAAYSFYNVHTQTPLLD
LMSDALVLAKMKGFDVFNALDLMENKTFLEKLKFGIGDGNLQYYLYNWKCPSMGAEKVGLVLQ
;
_entity_poly.pdbx_strand_id   A,B
#
loop_
_chem_comp.id
_chem_comp.type
_chem_comp.name
_chem_comp.formula
646 non-polymer 2,6-dichloro-4-(2-piperazin-1-ylpyridin-4-yl)-N-(1,3,5-trimethyl-1H-pyrazol-4-yl)benzenesulfonamide 'C21 H24 Cl2 N6 O2 S'
MYA non-polymer TETRADECANOYL-COA 'C35 H62 N7 O17 P3 S'
#
# COMPACT_ATOMS: atom_id res chain seq x y z
N ARG A 2 -24.96 -5.87 -29.72
CA ARG A 2 -25.05 -6.77 -28.53
C ARG A 2 -25.35 -5.98 -27.26
N SER A 3 -25.63 -6.71 -26.18
CA SER A 3 -26.01 -6.11 -24.91
C SER A 3 -25.35 -6.88 -23.76
N TYR A 4 -24.88 -6.15 -22.75
CA TYR A 4 -24.26 -6.74 -21.56
C TYR A 4 -25.01 -6.30 -20.30
N GLN A 5 -25.94 -7.13 -19.83
CA GLN A 5 -26.77 -6.81 -18.67
C GLN A 5 -25.96 -6.24 -17.49
N PHE A 6 -24.83 -6.88 -17.19
CA PHE A 6 -23.98 -6.40 -16.09
C PHE A 6 -22.99 -5.34 -16.57
N TRP A 7 -22.19 -5.67 -17.57
CA TRP A 7 -21.11 -4.78 -17.99
C TRP A 7 -21.54 -3.41 -18.51
N ASP A 8 -22.77 -3.30 -19.01
CA ASP A 8 -23.31 -2.00 -19.41
C ASP A 8 -23.52 -1.04 -18.23
N THR A 9 -23.56 -1.57 -17.01
CA THR A 9 -23.73 -0.74 -15.80
C THR A 9 -22.41 -0.29 -15.17
N GLN A 10 -21.31 -0.71 -15.77
CA GLN A 10 -19.99 -0.51 -15.18
C GLN A 10 -19.20 0.61 -15.84
N PRO A 11 -18.27 1.24 -15.09
CA PRO A 11 -17.45 2.32 -15.64
C PRO A 11 -16.35 1.78 -16.55
N VAL A 12 -16.77 1.24 -17.69
CA VAL A 12 -15.85 0.77 -18.73
C VAL A 12 -16.35 1.37 -20.06
N PRO A 13 -15.45 1.53 -21.05
CA PRO A 13 -15.90 2.08 -22.34
C PRO A 13 -16.79 1.12 -23.12
N LYS A 14 -17.54 1.67 -24.09
CA LYS A 14 -18.42 0.90 -24.95
C LYS A 14 -17.61 0.15 -26.00
N LEU A 15 -18.00 -1.09 -26.29
CA LEU A 15 -17.39 -1.85 -27.39
C LEU A 15 -17.58 -1.12 -28.72
N GLY A 16 -16.52 -1.10 -29.53
CA GLY A 16 -16.60 -0.55 -30.88
C GLY A 16 -16.61 0.97 -30.98
N GLU A 17 -16.43 1.64 -29.84
CA GLU A 17 -16.23 3.10 -29.84
C GLU A 17 -14.76 3.40 -29.64
N VAL A 18 -14.19 4.19 -30.54
CA VAL A 18 -12.78 4.57 -30.50
C VAL A 18 -12.56 5.58 -29.38
N VAL A 19 -11.49 5.37 -28.62
CA VAL A 19 -11.11 6.27 -27.53
C VAL A 19 -9.87 7.07 -27.94
N ASN A 20 -9.95 8.38 -27.76
CA ASN A 20 -8.83 9.27 -28.08
C ASN A 20 -8.22 9.92 -26.84
N THR A 21 -8.99 9.91 -25.75
CA THR A 21 -8.60 10.54 -24.48
C THR A 21 -7.94 9.53 -23.53
N HIS A 22 -7.36 10.03 -22.44
CA HIS A 22 -6.77 9.19 -21.39
C HIS A 22 -7.25 9.67 -20.03
N GLY A 23 -7.90 8.79 -19.27
CA GLY A 23 -8.36 9.12 -17.92
C GLY A 23 -9.42 8.20 -17.37
N PRO A 24 -9.90 8.48 -16.14
CA PRO A 24 -10.92 7.63 -15.52
C PRO A 24 -12.28 7.78 -16.18
N VAL A 25 -13.07 6.73 -16.19
CA VAL A 25 -14.44 6.79 -16.73
C VAL A 25 -15.35 7.61 -15.81
N GLU A 26 -15.12 7.49 -14.50
CA GLU A 26 -15.87 8.26 -13.48
C GLU A 26 -14.89 8.69 -12.38
N PRO A 27 -15.16 9.83 -11.70
CA PRO A 27 -14.23 10.25 -10.65
C PRO A 27 -14.25 9.34 -9.42
N ASP A 28 -13.23 9.44 -8.58
CA ASP A 28 -13.14 8.67 -7.34
C ASP A 28 -14.40 8.89 -6.48
N LYS A 29 -14.88 7.83 -5.84
CA LYS A 29 -16.05 7.91 -4.96
C LYS A 29 -15.65 8.49 -3.59
N ASP A 30 -16.50 9.36 -3.02
CA ASP A 30 -16.20 10.01 -1.74
CA ASP A 30 -16.24 10.04 -1.75
C ASP A 30 -16.87 9.32 -0.55
N ASN A 31 -17.87 8.50 -0.84
CA ASN A 31 -18.43 7.62 0.17
CA ASN A 31 -18.55 7.65 0.14
C ASN A 31 -18.65 6.25 -0.44
N ILE A 32 -18.37 5.23 0.35
CA ILE A 32 -18.54 3.88 -0.15
CA ILE A 32 -18.40 3.83 -0.09
C ILE A 32 -19.40 3.01 0.75
N ARG A 33 -20.22 2.21 0.07
CA ARG A 33 -21.14 1.28 0.69
C ARG A 33 -20.41 0.45 1.74
N GLN A 34 -20.90 0.49 2.98
CA GLN A 34 -20.25 -0.17 4.10
C GLN A 34 -20.63 -1.63 4.25
N GLU A 35 -21.75 -2.03 3.65
CA GLU A 35 -22.27 -3.37 3.82
C GLU A 35 -22.00 -4.24 2.60
N PRO A 36 -21.67 -5.53 2.82
CA PRO A 36 -21.50 -6.44 1.69
C PRO A 36 -22.78 -6.52 0.85
N TYR A 37 -22.62 -6.74 -0.44
CA TYR A 37 -23.78 -7.02 -1.29
C TYR A 37 -24.44 -8.33 -0.87
N THR A 38 -25.75 -8.42 -1.11
CA THR A 38 -26.52 -9.61 -0.72
C THR A 38 -26.27 -10.75 -1.72
N LEU A 39 -26.01 -11.94 -1.17
CA LEU A 39 -25.92 -13.15 -1.97
C LEU A 39 -27.27 -13.88 -1.94
N PRO A 40 -27.52 -14.78 -2.92
CA PRO A 40 -28.74 -15.59 -2.87
C PRO A 40 -28.86 -16.34 -1.53
N GLN A 41 -30.08 -16.61 -1.12
CA GLN A 41 -30.31 -17.30 0.16
C GLN A 41 -29.54 -18.63 0.22
N GLY A 42 -29.00 -18.96 1.38
CA GLY A 42 -28.25 -20.19 1.57
C GLY A 42 -26.75 -20.06 1.36
N PHE A 43 -26.31 -18.89 0.91
CA PHE A 43 -24.89 -18.63 0.70
C PHE A 43 -24.40 -17.46 1.54
N THR A 44 -23.11 -17.44 1.86
CA THR A 44 -22.52 -16.40 2.69
C THR A 44 -21.12 -16.03 2.23
N TRP A 45 -20.72 -14.77 2.46
CA TRP A 45 -19.34 -14.34 2.24
C TRP A 45 -18.43 -14.98 3.29
N ASP A 46 -17.20 -15.30 2.89
CA ASP A 46 -16.16 -15.68 3.82
C ASP A 46 -14.80 -15.31 3.26
N ALA A 47 -14.03 -14.51 4.01
CA ALA A 47 -12.66 -14.18 3.62
C ALA A 47 -11.76 -15.36 3.94
N LEU A 48 -11.01 -15.82 2.94
CA LEU A 48 -10.23 -17.03 3.08
C LEU A 48 -8.81 -16.74 3.58
N ASP A 49 -8.48 -17.30 4.75
CA ASP A 49 -7.12 -17.16 5.29
C ASP A 49 -6.25 -18.25 4.66
N LEU A 50 -5.48 -17.86 3.64
CA LEU A 50 -4.73 -18.83 2.85
C LEU A 50 -3.47 -19.31 3.56
N GLY A 51 -3.18 -18.68 4.70
CA GLY A 51 -2.12 -19.14 5.57
C GLY A 51 -2.56 -20.31 6.43
N ASP A 52 -3.85 -20.63 6.40
CA ASP A 52 -4.37 -21.84 7.04
C ASP A 52 -4.39 -22.96 6.02
N ARG A 53 -3.68 -24.05 6.33
CA ARG A 53 -3.52 -25.18 5.44
C ARG A 53 -4.85 -25.73 4.93
N GLY A 54 -5.82 -25.90 5.83
CA GLY A 54 -7.12 -26.44 5.48
C GLY A 54 -7.88 -25.57 4.49
N VAL A 55 -7.83 -24.26 4.72
CA VAL A 55 -8.55 -23.29 3.87
C VAL A 55 -7.90 -23.21 2.49
N LEU A 56 -6.56 -23.19 2.46
CA LEU A 56 -5.84 -23.17 1.19
C LEU A 56 -6.19 -24.39 0.34
N LYS A 57 -6.30 -25.56 0.99
CA LYS A 57 -6.67 -26.76 0.27
C LYS A 57 -8.10 -26.70 -0.28
N GLU A 58 -9.00 -26.04 0.46
CA GLU A 58 -10.38 -25.85 -0.01
C GLU A 58 -10.40 -25.04 -1.29
N LEU A 59 -9.58 -23.99 -1.33
CA LEU A 59 -9.49 -23.14 -2.54
C LEU A 59 -8.86 -23.93 -3.68
N TYR A 60 -7.79 -24.66 -3.38
CA TYR A 60 -7.18 -25.55 -4.35
C TYR A 60 -8.23 -26.44 -5.01
N THR A 61 -9.05 -27.09 -4.18
CA THR A 61 -10.09 -28.02 -4.66
C THR A 61 -11.16 -27.29 -5.49
N LEU A 62 -11.65 -26.15 -5.02
CA LEU A 62 -12.59 -25.36 -5.84
C LEU A 62 -12.03 -25.11 -7.23
N LEU A 63 -10.80 -24.62 -7.30
CA LEU A 63 -10.22 -24.22 -8.57
C LEU A 63 -9.88 -25.44 -9.41
N ASN A 64 -9.35 -26.49 -8.75
CA ASN A 64 -9.03 -27.73 -9.46
C ASN A 64 -10.24 -28.36 -10.17
N GLU A 65 -11.43 -28.20 -9.57
CA GLU A 65 -12.63 -28.83 -10.11
C GLU A 65 -13.49 -27.89 -10.96
N ASN A 66 -13.30 -26.59 -10.81
CA ASN A 66 -14.24 -25.62 -11.40
C ASN A 66 -13.61 -24.44 -12.14
N TYR A 67 -12.28 -24.37 -12.23
CA TYR A 67 -11.64 -23.21 -12.87
C TYR A 67 -11.54 -23.38 -14.39
N VAL A 68 -10.69 -22.58 -15.03
CA VAL A 68 -10.69 -22.42 -16.49
C VAL A 68 -10.47 -23.76 -17.24
N GLU A 69 -11.35 -24.05 -18.19
CA GLU A 69 -11.19 -25.20 -19.07
C GLU A 69 -11.00 -24.72 -20.52
N ASP A 70 -10.49 -25.60 -21.38
CA ASP A 70 -10.48 -25.28 -22.81
C ASP A 70 -11.91 -25.37 -23.34
N ASP A 71 -12.12 -24.95 -24.58
CA ASP A 71 -13.45 -24.99 -25.18
C ASP A 71 -14.03 -26.40 -25.29
N ASP A 72 -13.16 -27.39 -25.45
CA ASP A 72 -13.62 -28.77 -25.64
C ASP A 72 -13.72 -29.59 -24.34
N ASN A 73 -13.57 -28.91 -23.20
CA ASN A 73 -13.68 -29.54 -21.89
C ASN A 73 -12.76 -30.76 -21.77
N MET A 74 -11.53 -30.58 -22.22
CA MET A 74 -10.53 -31.63 -22.21
C MET A 74 -9.44 -31.35 -21.17
N PHE A 75 -9.18 -30.07 -20.90
CA PHE A 75 -8.13 -29.64 -19.97
C PHE A 75 -8.65 -28.57 -19.00
N ARG A 76 -8.18 -28.63 -17.75
CA ARG A 76 -8.55 -27.65 -16.74
CA ARG A 76 -8.55 -27.67 -16.72
C ARG A 76 -7.31 -27.27 -15.94
N PHE A 77 -7.12 -25.95 -15.72
CA PHE A 77 -5.99 -25.47 -14.93
C PHE A 77 -5.96 -26.16 -13.57
N ASP A 78 -4.75 -26.51 -13.14
CA ASP A 78 -4.52 -27.15 -11.85
C ASP A 78 -3.45 -26.39 -11.06
N TYR A 79 -3.79 -25.16 -10.65
CA TYR A 79 -2.89 -24.35 -9.81
C TYR A 79 -2.61 -25.06 -8.49
N SER A 80 -1.34 -25.22 -8.14
CA SER A 80 -0.98 -25.88 -6.88
C SER A 80 -1.27 -24.96 -5.70
N PRO A 81 -1.44 -25.54 -4.50
CA PRO A 81 -1.63 -24.71 -3.31
C PRO A 81 -0.48 -23.73 -3.10
N GLU A 82 0.75 -24.16 -3.33
CA GLU A 82 1.89 -23.27 -3.12
CA GLU A 82 1.93 -23.33 -3.16
C GLU A 82 1.99 -22.20 -4.20
N PHE A 83 1.56 -22.51 -5.42
CA PHE A 83 1.45 -21.51 -6.49
C PHE A 83 0.41 -20.45 -6.08
N LEU A 84 -0.72 -20.90 -5.54
CA LEU A 84 -1.77 -19.98 -5.12
C LEU A 84 -1.29 -19.01 -4.03
N LEU A 85 -0.49 -19.50 -3.09
CA LEU A 85 0.10 -18.61 -2.08
C LEU A 85 1.02 -17.57 -2.71
N TRP A 86 1.80 -17.99 -3.70
CA TRP A 86 2.69 -17.09 -4.44
C TRP A 86 1.86 -16.03 -5.18
N ALA A 87 0.83 -16.47 -5.90
CA ALA A 87 0.03 -15.55 -6.71
C ALA A 87 -0.84 -14.61 -5.88
N LEU A 88 -1.22 -15.04 -4.68
CA LEU A 88 -2.25 -14.33 -3.88
C LEU A 88 -1.73 -13.58 -2.66
N ARG A 89 -0.49 -13.86 -2.27
CA ARG A 89 0.14 -13.15 -1.15
C ARG A 89 1.44 -12.40 -1.53
N PRO A 90 1.39 -11.58 -2.62
CA PRO A 90 2.54 -10.73 -2.91
C PRO A 90 2.58 -9.57 -1.92
N PRO A 91 3.64 -8.75 -1.95
CA PRO A 91 3.71 -7.62 -1.03
C PRO A 91 2.46 -6.74 -1.09
N GLY A 92 1.93 -6.39 0.09
CA GLY A 92 0.77 -5.52 0.17
C GLY A 92 -0.58 -6.23 0.09
N TRP A 93 -0.57 -7.57 0.01
CA TRP A 93 -1.81 -8.34 -0.05
C TRP A 93 -2.69 -8.04 1.16
N LEU A 94 -4.01 -8.10 0.96
CA LEU A 94 -4.97 -7.87 2.05
C LEU A 94 -5.91 -9.05 2.21
N PRO A 95 -6.22 -9.43 3.46
CA PRO A 95 -7.05 -10.61 3.72
C PRO A 95 -8.46 -10.50 3.15
N GLN A 96 -9.04 -9.31 3.22
CA GLN A 96 -10.41 -9.08 2.78
C GLN A 96 -10.53 -9.23 1.26
N TRP A 97 -9.39 -9.17 0.56
CA TRP A 97 -9.36 -9.28 -0.89
C TRP A 97 -9.24 -10.73 -1.40
N HIS A 98 -9.29 -11.69 -0.48
CA HIS A 98 -9.40 -13.10 -0.81
C HIS A 98 -10.84 -13.49 -0.50
N CYS A 99 -11.72 -13.24 -1.46
CA CYS A 99 -13.16 -13.21 -1.24
C CYS A 99 -13.86 -14.51 -1.66
N GLY A 100 -14.19 -15.34 -0.67
CA GLY A 100 -14.90 -16.61 -0.92
C GLY A 100 -16.39 -16.58 -0.66
N VAL A 101 -17.11 -17.54 -1.26
CA VAL A 101 -18.54 -17.74 -1.04
C VAL A 101 -18.72 -19.18 -0.60
N ARG A 102 -19.44 -19.36 0.52
CA ARG A 102 -19.66 -20.70 1.05
C ARG A 102 -21.15 -20.99 1.15
N VAL A 103 -21.51 -22.27 1.05
CA VAL A 103 -22.87 -22.71 1.37
C VAL A 103 -23.01 -22.62 2.89
N VAL A 104 -24.08 -21.99 3.38
CA VAL A 104 -24.24 -21.74 4.81
C VAL A 104 -24.28 -23.02 5.66
N SER A 105 -25.05 -24.00 5.20
CA SER A 105 -25.25 -25.25 5.94
C SER A 105 -24.03 -26.17 5.91
N SER A 106 -23.54 -26.49 4.72
CA SER A 106 -22.43 -27.43 4.54
C SER A 106 -21.04 -26.81 4.71
N ARG A 107 -20.97 -25.49 4.55
CA ARG A 107 -19.72 -24.71 4.55
C ARG A 107 -18.90 -24.86 3.26
N LYS A 108 -19.44 -25.61 2.29
CA LYS A 108 -18.70 -25.90 1.06
C LYS A 108 -18.33 -24.61 0.35
N LEU A 109 -17.06 -24.48 -0.04
CA LEU A 109 -16.62 -23.34 -0.83
C LEU A 109 -17.13 -23.47 -2.26
N VAL A 110 -17.87 -22.47 -2.73
CA VAL A 110 -18.51 -22.55 -4.06
C VAL A 110 -18.25 -21.35 -4.96
N GLY A 111 -17.50 -20.38 -4.45
CA GLY A 111 -17.17 -19.18 -5.24
C GLY A 111 -15.96 -18.48 -4.70
N PHE A 112 -15.26 -17.77 -5.58
CA PHE A 112 -14.06 -17.03 -5.18
C PHE A 112 -13.80 -15.91 -6.17
N ILE A 113 -13.17 -14.86 -5.67
CA ILE A 113 -12.59 -13.81 -6.51
C ILE A 113 -11.49 -13.16 -5.67
N SER A 114 -10.45 -12.65 -6.32
CA SER A 114 -9.34 -12.08 -5.57
C SER A 114 -8.85 -10.80 -6.18
N ALA A 115 -8.28 -9.94 -5.34
CA ALA A 115 -7.59 -8.75 -5.78
C ALA A 115 -6.24 -8.74 -5.09
N ILE A 116 -5.20 -8.33 -5.83
CA ILE A 116 -3.89 -8.03 -5.24
C ILE A 116 -3.46 -6.64 -5.70
N PRO A 117 -2.70 -5.92 -4.88
CA PRO A 117 -2.34 -4.56 -5.27
C PRO A 117 -1.25 -4.56 -6.34
N ALA A 118 -1.28 -3.57 -7.24
CA ALA A 118 -0.25 -3.42 -8.25
C ALA A 118 -0.16 -1.98 -8.70
N ASN A 119 1.05 -1.48 -8.84
CA ASN A 119 1.27 -0.20 -9.49
C ASN A 119 1.42 -0.43 -10.98
N ILE A 120 0.56 0.24 -11.75
CA ILE A 120 0.44 -0.03 -13.18
C ILE A 120 0.75 1.24 -13.95
N HIS A 121 1.64 1.12 -14.94
CA HIS A 121 1.93 2.21 -15.86
C HIS A 121 1.11 1.99 -17.13
N ILE A 122 0.27 2.97 -17.47
CA ILE A 122 -0.55 2.91 -18.66
C ILE A 122 -0.35 4.19 -19.47
N TYR A 123 0.25 4.07 -20.65
CA TYR A 123 0.72 5.20 -21.43
C TYR A 123 1.52 6.14 -20.50
N ASP A 124 1.12 7.40 -20.40
CA ASP A 124 1.88 8.36 -19.59
C ASP A 124 1.45 8.56 -18.12
N THR A 125 0.70 7.59 -17.60
CA THR A 125 0.18 7.68 -16.24
C THR A 125 0.52 6.42 -15.46
N GLU A 126 1.00 6.59 -14.24
CA GLU A 126 1.11 5.47 -13.30
C GLU A 126 -0.02 5.60 -12.28
N LYS A 127 -0.77 4.52 -12.10
CA LYS A 127 -1.88 4.49 -11.15
C LYS A 127 -1.68 3.35 -10.17
N LYS A 128 -2.07 3.57 -8.91
CA LYS A 128 -2.22 2.45 -7.99
C LYS A 128 -3.48 1.71 -8.39
N MET A 129 -3.34 0.41 -8.66
CA MET A 129 -4.47 -0.42 -9.07
C MET A 129 -4.53 -1.72 -8.26
N VAL A 130 -5.49 -2.57 -8.61
CA VAL A 130 -5.46 -3.98 -8.21
C VAL A 130 -5.51 -4.85 -9.46
N GLU A 131 -5.01 -6.07 -9.33
CA GLU A 131 -5.16 -7.07 -10.37
C GLU A 131 -6.20 -8.06 -9.89
N ILE A 132 -7.21 -8.31 -10.72
CA ILE A 132 -8.27 -9.24 -10.36
C ILE A 132 -8.02 -10.58 -11.04
N ASN A 133 -8.14 -11.65 -10.27
CA ASN A 133 -7.82 -12.98 -10.76
C ASN A 133 -8.61 -14.01 -9.98
N PHE A 134 -8.66 -15.22 -10.54
CA PHE A 134 -9.24 -16.39 -9.90
C PHE A 134 -10.74 -16.27 -9.62
N LEU A 135 -11.44 -15.52 -10.48
CA LEU A 135 -12.90 -15.49 -10.42
C LEU A 135 -13.40 -16.89 -10.78
N CYS A 136 -14.16 -17.49 -9.88
CA CYS A 136 -14.61 -18.88 -10.07
C CYS A 136 -15.93 -19.14 -9.39
N VAL A 137 -16.85 -19.75 -10.12
CA VAL A 137 -18.14 -20.14 -9.59
C VAL A 137 -18.29 -21.64 -9.85
N HIS A 138 -18.64 -22.39 -8.81
CA HIS A 138 -18.83 -23.85 -8.92
C HIS A 138 -19.75 -24.19 -10.08
N LYS A 139 -19.43 -25.25 -10.81
CA LYS A 139 -20.23 -25.66 -11.98
C LYS A 139 -21.74 -25.73 -11.70
N LYS A 140 -22.10 -26.20 -10.51
CA LYS A 140 -23.50 -26.37 -10.13
C LYS A 140 -24.22 -25.04 -9.84
N LEU A 141 -23.45 -23.95 -9.80
CA LEU A 141 -24.00 -22.61 -9.58
C LEU A 141 -23.92 -21.68 -10.80
N ARG A 142 -23.49 -22.22 -11.93
CA ARG A 142 -23.28 -21.42 -13.16
C ARG A 142 -24.59 -20.87 -13.74
N SER A 143 -24.46 -19.72 -14.40
CA SER A 143 -25.58 -19.04 -15.09
C SER A 143 -26.72 -18.60 -14.16
N LYS A 144 -26.37 -18.29 -12.91
CA LYS A 144 -27.33 -17.80 -11.92
C LYS A 144 -27.02 -16.37 -11.45
N ARG A 145 -26.23 -15.65 -12.26
CA ARG A 145 -25.79 -14.28 -11.99
C ARG A 145 -25.05 -14.10 -10.65
N VAL A 146 -24.26 -15.10 -10.26
CA VAL A 146 -23.41 -14.99 -9.08
C VAL A 146 -22.15 -14.18 -9.40
N ALA A 147 -21.62 -14.32 -10.61
CA ALA A 147 -20.40 -13.60 -10.99
C ALA A 147 -20.52 -12.08 -10.79
N PRO A 148 -21.61 -11.45 -11.27
CA PRO A 148 -21.75 -10.03 -11.02
C PRO A 148 -21.69 -9.65 -9.54
N VAL A 149 -22.21 -10.49 -8.65
CA VAL A 149 -22.16 -10.18 -7.21
C VAL A 149 -20.72 -10.24 -6.69
N LEU A 150 -19.98 -11.26 -7.12
CA LEU A 150 -18.56 -11.38 -6.78
C LEU A 150 -17.78 -10.16 -7.27
N ILE A 151 -18.03 -9.74 -8.51
CA ILE A 151 -17.34 -8.58 -9.08
C ILE A 151 -17.68 -7.29 -8.32
N ARG A 152 -18.97 -7.08 -8.04
CA ARG A 152 -19.39 -5.90 -7.30
C ARG A 152 -18.84 -5.88 -5.88
N GLU A 153 -18.79 -7.05 -5.23
CA GLU A 153 -18.29 -7.13 -3.86
C GLU A 153 -16.78 -6.86 -3.79
N ILE A 154 -16.01 -7.42 -4.71
CA ILE A 154 -14.57 -7.12 -4.73
C ILE A 154 -14.32 -5.65 -5.06
N THR A 155 -15.13 -5.08 -5.98
CA THR A 155 -15.03 -3.65 -6.29
C THR A 155 -15.23 -2.81 -5.02
N ARG A 156 -16.29 -3.12 -4.27
CA ARG A 156 -16.57 -2.44 -3.00
C ARG A 156 -15.39 -2.56 -2.02
N ARG A 157 -14.87 -3.77 -1.85
CA ARG A 157 -13.76 -3.98 -0.91
C ARG A 157 -12.48 -3.25 -1.31
N VAL A 158 -12.28 -3.07 -2.62
CA VAL A 158 -11.10 -2.37 -3.17
C VAL A 158 -11.32 -0.87 -3.00
N HIS A 159 -12.53 -0.40 -3.31
CA HIS A 159 -12.91 1.00 -3.08
C HIS A 159 -12.67 1.47 -1.65
N LEU A 160 -12.96 0.59 -0.67
CA LEU A 160 -12.75 0.94 0.74
C LEU A 160 -11.29 1.30 1.04
N GLU A 161 -10.38 0.76 0.24
CA GLU A 161 -8.94 0.98 0.39
C GLU A 161 -8.41 2.13 -0.45
N GLY A 162 -9.31 2.89 -1.05
CA GLY A 162 -8.93 4.09 -1.81
C GLY A 162 -8.38 3.80 -3.19
N ILE A 163 -8.71 2.64 -3.75
CA ILE A 163 -8.28 2.26 -5.10
C ILE A 163 -9.48 2.21 -6.05
N PHE A 164 -9.35 2.86 -7.21
CA PHE A 164 -10.50 3.03 -8.11
C PHE A 164 -10.27 2.55 -9.54
N GLN A 165 -9.11 1.93 -9.78
CA GLN A 165 -8.80 1.32 -11.07
C GLN A 165 -8.32 -0.13 -10.86
N ALA A 166 -8.56 -0.96 -11.87
CA ALA A 166 -8.09 -2.34 -11.85
C ALA A 166 -7.66 -2.81 -13.23
N VAL A 167 -6.81 -3.82 -13.26
CA VAL A 167 -6.46 -4.51 -14.50
C VAL A 167 -6.85 -5.98 -14.36
N TYR A 168 -7.35 -6.56 -15.45
CA TYR A 168 -7.75 -7.97 -15.45
C TYR A 168 -7.68 -8.51 -16.88
N THR A 169 -7.58 -9.82 -17.01
CA THR A 169 -7.61 -10.48 -18.30
C THR A 169 -8.71 -11.52 -18.31
N ALA A 170 -9.25 -11.79 -19.49
CA ALA A 170 -10.26 -12.83 -19.66
C ALA A 170 -10.19 -13.41 -21.07
N GLY A 171 -10.67 -14.64 -21.22
CA GLY A 171 -10.72 -15.28 -22.52
C GLY A 171 -11.95 -14.93 -23.34
N VAL A 172 -12.87 -14.17 -22.74
CA VAL A 172 -14.08 -13.73 -23.42
C VAL A 172 -14.04 -12.24 -23.74
N VAL A 173 -14.81 -11.83 -24.74
CA VAL A 173 -14.88 -10.42 -25.12
C VAL A 173 -15.93 -9.71 -24.28
N LEU A 174 -15.48 -8.65 -23.62
CA LEU A 174 -16.33 -7.80 -22.78
C LEU A 174 -16.01 -6.36 -23.11
N PRO A 175 -16.90 -5.41 -22.75
CA PRO A 175 -16.52 -4.01 -22.92
C PRO A 175 -15.39 -3.65 -21.95
N LYS A 176 -14.25 -3.13 -22.43
CA LYS A 176 -13.81 -3.09 -23.82
C LYS A 176 -12.30 -3.39 -23.75
N PRO A 177 -11.81 -4.36 -24.54
CA PRO A 177 -10.38 -4.70 -24.42
C PRO A 177 -9.45 -3.53 -24.74
N VAL A 178 -8.40 -3.37 -23.93
CA VAL A 178 -7.35 -2.37 -24.21
CA VAL A 178 -7.35 -2.38 -24.20
C VAL A 178 -6.25 -3.01 -25.05
N GLY A 179 -6.22 -4.35 -25.07
CA GLY A 179 -5.26 -5.12 -25.85
C GLY A 179 -5.78 -6.54 -26.03
N THR A 180 -5.43 -7.15 -27.16
CA THR A 180 -5.83 -8.52 -27.48
C THR A 180 -4.59 -9.34 -27.80
N CYS A 181 -4.40 -10.42 -27.04
CA CYS A 181 -3.25 -11.30 -27.21
C CYS A 181 -3.70 -12.70 -27.60
N ARG A 182 -2.77 -13.45 -28.19
CA ARG A 182 -3.02 -14.84 -28.56
CA ARG A 182 -2.99 -14.85 -28.60
C ARG A 182 -2.00 -15.76 -27.89
N TYR A 183 -2.48 -16.89 -27.37
CA TYR A 183 -1.57 -17.92 -26.83
C TYR A 183 -0.91 -18.69 -27.97
N TRP A 184 0.38 -18.97 -27.81
CA TRP A 184 1.13 -19.86 -28.69
C TRP A 184 1.73 -20.98 -27.83
N HIS A 185 1.95 -22.15 -28.42
CA HIS A 185 2.46 -23.32 -27.70
C HIS A 185 3.64 -23.90 -28.42
N ARG A 186 4.67 -24.25 -27.65
CA ARG A 186 5.86 -24.89 -28.18
C ARG A 186 5.93 -26.30 -27.60
N SER A 187 5.71 -27.30 -28.45
CA SER A 187 5.74 -28.71 -28.04
CA SER A 187 5.74 -28.70 -28.02
C SER A 187 7.12 -29.10 -27.50
N LEU A 188 7.15 -29.74 -26.33
CA LEU A 188 8.39 -30.27 -25.76
C LEU A 188 8.34 -31.79 -25.71
N ASN A 189 7.13 -32.33 -25.51
CA ASN A 189 6.88 -33.76 -25.44
C ASN A 189 5.76 -34.10 -26.43
N PRO A 190 6.06 -34.09 -27.75
CA PRO A 190 5.00 -34.17 -28.74
C PRO A 190 4.18 -35.46 -28.72
N ARG A 191 4.81 -36.59 -28.40
CA ARG A 191 4.10 -37.87 -28.31
C ARG A 191 2.97 -37.82 -27.28
N LYS A 192 3.25 -37.28 -26.10
CA LYS A 192 2.23 -37.13 -25.07
C LYS A 192 1.14 -36.14 -25.50
N LEU A 193 1.55 -35.02 -26.09
CA LEU A 193 0.62 -33.97 -26.48
C LEU A 193 -0.36 -34.41 -27.57
N ILE A 194 0.13 -35.22 -28.50
CA ILE A 194 -0.71 -35.81 -29.54
C ILE A 194 -1.64 -36.87 -28.95
N GLU A 195 -1.10 -37.72 -28.08
CA GLU A 195 -1.86 -38.80 -27.44
C GLU A 195 -3.07 -38.27 -26.66
N VAL A 196 -2.87 -37.18 -25.92
CA VAL A 196 -3.96 -36.56 -25.12
C VAL A 196 -4.79 -35.55 -25.91
N LYS A 197 -4.46 -35.41 -27.21
CA LYS A 197 -5.17 -34.53 -28.14
C LYS A 197 -5.10 -33.04 -27.80
N PHE A 198 -4.01 -32.63 -27.15
CA PHE A 198 -3.69 -31.20 -27.01
C PHE A 198 -3.25 -30.67 -28.38
N SER A 199 -2.53 -31.51 -29.11
CA SER A 199 -2.11 -31.23 -30.47
C SER A 199 -2.50 -32.39 -31.37
N HIS A 200 -2.40 -32.19 -32.68
CA HIS A 200 -2.58 -33.27 -33.64
C HIS A 200 -1.39 -33.36 -34.59
N LEU A 201 -1.16 -34.55 -35.14
CA LEU A 201 -0.15 -34.73 -36.18
C LEU A 201 -0.48 -33.86 -37.40
N SER A 202 0.49 -33.04 -37.80
CA SER A 202 0.37 -32.23 -39.01
C SER A 202 0.12 -33.11 -40.23
N ARG A 203 -0.57 -32.53 -41.23
CA ARG A 203 -1.06 -33.29 -42.41
CA ARG A 203 -1.04 -33.29 -42.40
C ARG A 203 0.02 -34.13 -43.12
N ASN A 204 1.18 -33.52 -43.37
CA ASN A 204 2.24 -34.23 -44.09
C ASN A 204 3.37 -34.75 -43.19
N MET A 205 3.11 -34.82 -41.88
CA MET A 205 4.13 -35.23 -40.92
C MET A 205 3.76 -36.50 -40.16
N THR A 206 4.71 -37.42 -40.09
CA THR A 206 4.59 -38.59 -39.23
C THR A 206 4.99 -38.20 -37.81
N MET A 207 4.76 -39.10 -36.85
CA MET A 207 5.20 -38.91 -35.48
C MET A 207 6.72 -38.78 -35.40
N GLN A 208 7.44 -39.65 -36.12
CA GLN A 208 8.91 -39.63 -36.14
C GLN A 208 9.43 -38.26 -36.59
N ARG A 209 8.84 -37.75 -37.67
CA ARG A 209 9.18 -36.42 -38.17
C ARG A 209 8.89 -35.34 -37.14
N THR A 210 7.78 -35.49 -36.43
CA THR A 210 7.32 -34.52 -35.43
C THR A 210 8.27 -34.46 -34.22
N MET A 211 8.66 -35.63 -33.72
CA MET A 211 9.66 -35.72 -32.65
C MET A 211 11.00 -35.12 -33.07
N LYS A 212 11.36 -35.33 -34.34
CA LYS A 212 12.57 -34.72 -34.90
C LYS A 212 12.45 -33.20 -34.94
N LEU A 213 11.35 -32.71 -35.52
CA LEU A 213 11.07 -31.29 -35.59
C LEU A 213 11.23 -30.59 -34.24
N TYR A 214 10.69 -31.19 -33.18
CA TYR A 214 10.65 -30.53 -31.87
C TYR A 214 11.84 -30.82 -30.95
N ARG A 215 12.76 -31.65 -31.40
CA ARG A 215 13.89 -32.06 -30.56
C ARG A 215 14.79 -30.87 -30.20
N LEU A 216 15.25 -30.87 -28.95
CA LEU A 216 16.06 -29.76 -28.41
C LEU A 216 17.40 -30.25 -27.87
N PRO A 217 18.41 -29.35 -27.83
CA PRO A 217 19.68 -29.63 -27.15
C PRO A 217 19.45 -30.04 -25.70
N GLU A 218 20.41 -30.80 -25.15
CA GLU A 218 20.28 -31.33 -23.79
C GLU A 218 20.61 -30.30 -22.71
N THR A 219 21.39 -29.28 -23.06
CA THR A 219 21.76 -28.22 -22.12
C THR A 219 21.71 -26.86 -22.82
N PRO A 220 21.47 -25.77 -22.04
CA PRO A 220 21.40 -24.43 -22.63
C PRO A 220 22.73 -24.03 -23.24
N LYS A 221 22.71 -23.10 -24.19
CA LYS A 221 23.96 -22.68 -24.86
C LYS A 221 24.53 -21.34 -24.41
N THR A 222 23.70 -20.46 -23.86
CA THR A 222 24.16 -19.13 -23.45
C THR A 222 25.20 -19.18 -22.34
N ALA A 223 26.32 -18.52 -22.59
CA ALA A 223 27.43 -18.43 -21.65
C ALA A 223 26.99 -17.76 -20.35
N GLY A 224 27.24 -18.44 -19.24
CA GLY A 224 27.05 -17.86 -17.91
C GLY A 224 25.63 -17.88 -17.39
N LEU A 225 24.75 -18.63 -18.04
CA LEU A 225 23.37 -18.78 -17.58
C LEU A 225 23.36 -19.60 -16.30
N ARG A 226 22.63 -19.12 -15.30
CA ARG A 226 22.52 -19.78 -14.00
C ARG A 226 21.22 -19.34 -13.31
N PRO A 227 20.73 -20.12 -12.32
CA PRO A 227 19.53 -19.67 -11.61
C PRO A 227 19.78 -18.36 -10.87
N MET A 228 18.74 -17.53 -10.80
CA MET A 228 18.77 -16.32 -10.01
C MET A 228 19.02 -16.65 -8.54
N GLU A 229 19.81 -15.81 -7.88
CA GLU A 229 20.10 -15.94 -6.46
C GLU A 229 19.78 -14.63 -5.76
N THR A 230 19.83 -14.63 -4.43
CA THR A 230 19.51 -13.45 -3.62
C THR A 230 20.34 -12.22 -4.05
N LYS A 231 21.62 -12.43 -4.32
CA LYS A 231 22.48 -11.34 -4.73
C LYS A 231 22.06 -10.66 -6.04
N ASP A 232 21.22 -11.34 -6.85
CA ASP A 232 20.77 -10.81 -8.14
C ASP A 232 19.51 -9.94 -8.06
N ILE A 233 18.86 -9.90 -6.90
CA ILE A 233 17.59 -9.18 -6.75
C ILE A 233 17.70 -7.72 -7.27
N PRO A 234 18.69 -6.94 -6.80
CA PRO A 234 18.76 -5.56 -7.26
C PRO A 234 18.95 -5.39 -8.78
N VAL A 235 19.86 -6.13 -9.40
CA VAL A 235 20.11 -5.99 -10.84
C VAL A 235 18.94 -6.50 -11.69
N VAL A 236 18.24 -7.53 -11.21
CA VAL A 236 17.05 -8.03 -11.92
C VAL A 236 15.98 -6.92 -11.90
N HIS A 237 15.83 -6.26 -10.76
CA HIS A 237 14.91 -5.14 -10.64
C HIS A 237 15.31 -4.03 -11.61
N GLN A 238 16.60 -3.69 -11.64
CA GLN A 238 17.12 -2.67 -12.56
C GLN A 238 16.85 -3.01 -14.01
N LEU A 239 17.22 -4.23 -14.40
CA LEU A 239 17.03 -4.72 -15.78
C LEU A 239 15.57 -4.64 -16.20
N LEU A 240 14.69 -5.14 -15.34
CA LEU A 240 13.26 -5.19 -15.65
C LEU A 240 12.66 -3.80 -15.81
N THR A 241 12.99 -2.91 -14.88
CA THR A 241 12.45 -1.55 -14.87
C THR A 241 12.79 -0.82 -16.16
N ARG A 242 14.05 -0.91 -16.58
CA ARG A 242 14.49 -0.25 -17.81
C ARG A 242 13.88 -0.88 -19.04
N TYR A 243 13.83 -2.21 -19.06
CA TYR A 243 13.26 -2.95 -20.18
C TYR A 243 11.78 -2.60 -20.45
N LEU A 244 11.01 -2.48 -19.37
CA LEU A 244 9.56 -2.31 -19.49
C LEU A 244 9.12 -0.94 -20.04
N LYS A 245 10.02 0.04 -19.99
CA LYS A 245 9.71 1.41 -20.43
C LYS A 245 9.16 1.49 -21.86
N GLN A 246 9.64 0.60 -22.73
CA GLN A 246 9.27 0.60 -24.14
C GLN A 246 7.82 0.18 -24.44
N PHE A 247 7.11 -0.35 -23.45
CA PHE A 247 5.71 -0.77 -23.65
C PHE A 247 4.73 0.24 -23.03
N HIS A 248 3.45 0.09 -23.35
CA HIS A 248 2.41 1.03 -22.89
C HIS A 248 1.53 0.53 -21.73
N LEU A 249 1.59 -0.76 -21.42
CA LEU A 249 0.88 -1.30 -20.26
C LEU A 249 1.82 -2.22 -19.52
N THR A 250 2.31 -1.78 -18.36
CA THR A 250 3.35 -2.51 -17.63
C THR A 250 3.14 -2.45 -16.11
N PRO A 251 3.74 -3.41 -15.37
CA PRO A 251 3.76 -3.24 -13.93
C PRO A 251 4.91 -2.31 -13.52
N VAL A 252 4.77 -1.66 -12.37
CA VAL A 252 5.86 -0.91 -11.77
C VAL A 252 6.18 -1.59 -10.45
N MET A 253 7.26 -2.36 -10.44
CA MET A 253 7.56 -3.22 -9.30
C MET A 253 8.64 -2.62 -8.42
N SER A 254 8.41 -2.70 -7.11
CA SER A 254 9.43 -2.38 -6.12
C SER A 254 10.44 -3.51 -6.09
N GLN A 255 11.56 -3.29 -5.40
CA GLN A 255 12.57 -4.34 -5.27
C GLN A 255 12.01 -5.53 -4.48
N GLU A 256 11.17 -5.24 -3.49
CA GLU A 256 10.50 -6.30 -2.73
C GLU A 256 9.55 -7.13 -3.60
N GLU A 257 8.82 -6.47 -4.50
CA GLU A 257 7.96 -7.18 -5.46
C GLU A 257 8.76 -8.04 -6.43
N VAL A 258 9.90 -7.52 -6.90
CA VAL A 258 10.77 -8.28 -7.81
C VAL A 258 11.27 -9.56 -7.14
N GLU A 259 11.68 -9.45 -5.88
CA GLU A 259 12.04 -10.62 -5.09
C GLU A 259 10.89 -11.64 -5.06
N HIS A 260 9.70 -11.17 -4.74
CA HIS A 260 8.54 -12.05 -4.67
C HIS A 260 8.24 -12.75 -6.00
N TRP A 261 8.20 -11.98 -7.08
CA TRP A 261 7.76 -12.51 -8.37
C TRP A 261 8.82 -13.34 -9.10
N PHE A 262 10.09 -13.11 -8.80
CA PHE A 262 11.18 -13.76 -9.57
C PHE A 262 12.09 -14.72 -8.83
N TYR A 263 12.22 -14.58 -7.52
CA TYR A 263 13.11 -15.48 -6.78
C TYR A 263 12.64 -16.94 -6.98
N PRO A 264 13.54 -17.83 -7.45
CA PRO A 264 13.09 -19.17 -7.83
C PRO A 264 12.47 -19.95 -6.68
N GLN A 265 11.34 -20.60 -6.97
CA GLN A 265 10.68 -21.52 -6.08
C GLN A 265 10.35 -22.75 -6.93
N GLU A 266 10.87 -23.90 -6.55
CA GLU A 266 10.70 -25.10 -7.36
CA GLU A 266 10.70 -25.12 -7.35
C GLU A 266 9.22 -25.41 -7.58
N ASN A 267 8.88 -25.73 -8.83
CA ASN A 267 7.49 -26.05 -9.23
C ASN A 267 6.52 -24.86 -9.16
N ILE A 268 7.06 -23.65 -9.05
CA ILE A 268 6.23 -22.44 -9.08
C ILE A 268 6.80 -21.44 -10.09
N ILE A 269 8.02 -20.98 -9.83
CA ILE A 269 8.63 -19.93 -10.67
C ILE A 269 10.11 -20.21 -10.85
N ASP A 270 10.57 -20.12 -12.10
CA ASP A 270 11.98 -20.27 -12.41
C ASP A 270 12.49 -19.00 -13.05
N THR A 271 13.65 -18.55 -12.61
CA THR A 271 14.30 -17.39 -13.21
C THR A 271 15.77 -17.72 -13.38
N PHE A 272 16.29 -17.50 -14.59
CA PHE A 272 17.70 -17.72 -14.85
C PHE A 272 18.30 -16.43 -15.36
N VAL A 273 19.46 -16.06 -14.81
CA VAL A 273 20.15 -14.83 -15.22
C VAL A 273 21.38 -15.20 -16.06
N VAL A 274 21.80 -14.28 -16.93
CA VAL A 274 23.07 -14.43 -17.64
C VAL A 274 24.09 -13.56 -16.94
N GLU A 275 25.06 -14.22 -16.29
CA GLU A 275 26.21 -13.55 -15.66
C GLU A 275 27.41 -13.73 -16.57
N ASN A 276 27.86 -12.62 -17.17
CA ASN A 276 28.88 -12.68 -18.20
C ASN A 276 30.32 -12.88 -17.67
N ALA A 277 31.28 -12.80 -18.57
CA ALA A 277 32.70 -13.04 -18.25
C ALA A 277 33.29 -11.95 -17.34
N ASN A 278 32.57 -10.84 -17.20
CA ASN A 278 32.94 -9.76 -16.28
C ASN A 278 32.26 -9.88 -14.92
N GLY A 279 31.35 -10.84 -14.78
CA GLY A 279 30.59 -11.01 -13.55
C GLY A 279 29.32 -10.16 -13.51
N GLU A 280 28.97 -9.55 -14.63
CA GLU A 280 27.81 -8.67 -14.73
C GLU A 280 26.58 -9.44 -15.23
N VAL A 281 25.45 -9.25 -14.55
CA VAL A 281 24.18 -9.83 -15.01
C VAL A 281 23.56 -8.91 -16.06
N THR A 282 23.39 -9.44 -17.27
CA THR A 282 22.99 -8.62 -18.41
C THR A 282 21.63 -9.00 -19.00
N ASP A 283 21.13 -10.18 -18.63
CA ASP A 283 19.88 -10.71 -19.18
C ASP A 283 19.25 -11.63 -18.15
N PHE A 284 17.94 -11.82 -18.26
CA PHE A 284 17.27 -12.91 -17.54
C PHE A 284 16.03 -13.43 -18.26
N LEU A 285 15.74 -14.71 -18.02
CA LEU A 285 14.52 -15.34 -18.49
C LEU A 285 13.75 -15.88 -17.29
N SER A 286 12.43 -15.94 -17.41
CA SER A 286 11.62 -16.52 -16.34
C SER A 286 10.38 -17.21 -16.91
N PHE A 287 9.94 -18.26 -16.24
CA PHE A 287 8.72 -18.95 -16.61
C PHE A 287 8.08 -19.57 -15.39
N TYR A 288 6.75 -19.55 -15.33
CA TYR A 288 6.05 -20.16 -14.20
C TYR A 288 5.42 -21.53 -14.52
N THR A 289 5.19 -22.31 -13.47
CA THR A 289 4.73 -23.70 -13.57
C THR A 289 3.22 -23.77 -13.36
N LEU A 290 2.48 -24.24 -14.36
CA LEU A 290 1.03 -24.38 -14.22
C LEU A 290 0.53 -25.62 -14.99
N PRO A 291 0.31 -26.73 -14.27
CA PRO A 291 -0.18 -27.90 -14.97
C PRO A 291 -1.68 -27.80 -15.26
N SER A 292 -2.13 -28.58 -16.24
CA SER A 292 -3.56 -28.73 -16.51
C SER A 292 -3.96 -30.18 -16.28
N THR A 293 -5.09 -30.38 -15.60
CA THR A 293 -5.71 -31.69 -15.47
C THR A 293 -6.21 -32.12 -16.85
N ILE A 294 -5.99 -33.37 -17.21
CA ILE A 294 -6.51 -33.93 -18.45
C ILE A 294 -7.76 -34.72 -18.03
N MET A 295 -8.92 -34.23 -18.44
CA MET A 295 -10.20 -34.76 -17.99
CA MET A 295 -10.21 -34.78 -18.00
C MET A 295 -10.51 -36.11 -18.67
N ASN A 296 -11.11 -37.02 -17.89
CA ASN A 296 -11.66 -38.28 -18.41
C ASN A 296 -10.71 -39.23 -19.14
N HIS A 297 -9.42 -39.15 -18.83
CA HIS A 297 -8.42 -39.97 -19.52
C HIS A 297 -7.88 -41.06 -18.58
N PRO A 298 -7.87 -42.32 -19.04
CA PRO A 298 -7.50 -43.45 -18.18
C PRO A 298 -6.04 -43.49 -17.72
N THR A 299 -5.11 -43.02 -18.54
CA THR A 299 -3.68 -43.20 -18.24
C THR A 299 -2.87 -41.90 -18.08
N HIS A 300 -3.28 -40.85 -18.78
CA HIS A 300 -2.63 -39.54 -18.62
C HIS A 300 -3.57 -38.64 -17.85
N LYS A 301 -3.08 -38.10 -16.75
CA LYS A 301 -3.92 -37.35 -15.82
C LYS A 301 -3.60 -35.87 -15.74
N SER A 302 -2.38 -35.50 -16.16
CA SER A 302 -1.90 -34.13 -16.02
CA SER A 302 -1.90 -34.13 -16.02
C SER A 302 -0.94 -33.76 -17.14
N LEU A 303 -1.09 -32.52 -17.63
CA LEU A 303 -0.22 -31.95 -18.64
C LEU A 303 0.63 -30.89 -17.95
N LYS A 304 1.95 -31.05 -17.98
CA LYS A 304 2.86 -30.12 -17.32
C LYS A 304 3.24 -29.00 -18.28
N ALA A 305 2.79 -27.78 -17.98
CA ALA A 305 3.02 -26.64 -18.84
C ALA A 305 3.83 -25.56 -18.14
N ALA A 306 4.75 -24.97 -18.89
CA ALA A 306 5.51 -23.80 -18.44
C ALA A 306 4.98 -22.60 -19.19
N TYR A 307 4.90 -21.46 -18.50
CA TYR A 307 4.38 -20.24 -19.08
C TYR A 307 5.43 -19.14 -19.04
N SER A 308 5.75 -18.58 -20.21
CA SER A 308 6.68 -17.46 -20.30
C SER A 308 6.20 -16.32 -19.43
N PHE A 309 7.12 -15.77 -18.63
CA PHE A 309 6.80 -14.72 -17.68
C PHE A 309 7.40 -13.39 -18.17
N TYR A 310 8.51 -12.95 -17.57
CA TYR A 310 9.21 -11.78 -18.13
C TYR A 310 10.61 -12.16 -18.60
N ASN A 311 10.95 -11.74 -19.81
CA ASN A 311 12.27 -12.05 -20.37
C ASN A 311 12.95 -10.77 -20.80
N VAL A 312 14.09 -10.47 -20.20
CA VAL A 312 14.79 -9.20 -20.41
C VAL A 312 16.14 -9.47 -21.08
N HIS A 313 16.36 -8.82 -22.22
CA HIS A 313 17.62 -8.95 -22.95
C HIS A 313 18.27 -7.57 -23.12
N THR A 314 19.58 -7.50 -22.86
CA THR A 314 20.38 -6.29 -23.15
C THR A 314 21.67 -6.63 -23.89
N GLN A 315 22.16 -7.86 -23.74
CA GLN A 315 23.39 -8.30 -24.40
C GLN A 315 23.25 -9.65 -25.12
N THR A 316 22.30 -10.48 -24.68
CA THR A 316 22.02 -11.78 -25.30
C THR A 316 20.82 -11.60 -26.22
N PRO A 317 20.89 -12.06 -27.47
CA PRO A 317 19.71 -11.96 -28.33
C PRO A 317 18.51 -12.66 -27.70
N LEU A 318 17.33 -12.06 -27.82
CA LEU A 318 16.11 -12.65 -27.23
C LEU A 318 15.85 -14.05 -27.76
N LEU A 319 16.13 -14.25 -29.06
CA LEU A 319 16.00 -15.56 -29.69
C LEU A 319 16.80 -16.63 -28.97
N ASP A 320 18.04 -16.29 -28.61
CA ASP A 320 18.92 -17.17 -27.83
C ASP A 320 18.40 -17.45 -26.44
N LEU A 321 17.98 -16.40 -25.74
CA LEU A 321 17.40 -16.52 -24.39
C LEU A 321 16.23 -17.49 -24.38
N MET A 322 15.31 -17.30 -25.32
CA MET A 322 14.10 -18.12 -25.38
C MET A 322 14.40 -19.55 -25.81
N SER A 323 15.41 -19.73 -26.67
CA SER A 323 15.89 -21.06 -27.00
C SER A 323 16.34 -21.79 -25.74
N ASP A 324 17.07 -21.07 -24.89
CA ASP A 324 17.51 -21.64 -23.62
C ASP A 324 16.37 -21.89 -22.64
N ALA A 325 15.35 -21.03 -22.65
CA ALA A 325 14.16 -21.28 -21.81
C ALA A 325 13.49 -22.62 -22.16
N LEU A 326 13.35 -22.87 -23.46
CA LEU A 326 12.79 -24.13 -23.96
C LEU A 326 13.59 -25.34 -23.50
N VAL A 327 14.91 -25.27 -23.64
CA VAL A 327 15.79 -26.36 -23.20
C VAL A 327 15.66 -26.62 -21.69
N LEU A 328 15.70 -25.54 -20.91
CA LEU A 328 15.55 -25.62 -19.46
C LEU A 328 14.20 -26.24 -19.07
N ALA A 329 13.14 -25.83 -19.76
CA ALA A 329 11.80 -26.37 -19.50
C ALA A 329 11.77 -27.87 -19.83
N LYS A 330 12.35 -28.26 -20.96
CA LYS A 330 12.43 -29.68 -21.32
C LYS A 330 13.18 -30.49 -20.25
N MET A 331 14.31 -29.95 -19.80
CA MET A 331 15.12 -30.58 -18.75
C MET A 331 14.33 -30.81 -17.47
N LYS A 332 13.45 -29.86 -17.16
CA LYS A 332 12.64 -29.90 -15.93
C LYS A 332 11.38 -30.76 -16.05
N GLY A 333 11.18 -31.37 -17.23
CA GLY A 333 10.10 -32.33 -17.45
C GLY A 333 8.79 -31.78 -17.97
N PHE A 334 8.77 -30.51 -18.39
CA PHE A 334 7.55 -29.93 -18.97
C PHE A 334 7.18 -30.59 -20.29
N ASP A 335 5.88 -30.65 -20.57
CA ASP A 335 5.35 -31.23 -21.80
C ASP A 335 5.20 -30.17 -22.90
N VAL A 336 5.04 -28.91 -22.49
CA VAL A 336 4.76 -27.81 -23.42
C VAL A 336 5.21 -26.48 -22.80
N PHE A 337 5.59 -25.54 -23.66
CA PHE A 337 5.98 -24.19 -23.23
C PHE A 337 5.05 -23.18 -23.91
N ASN A 338 4.32 -22.44 -23.08
CA ASN A 338 3.34 -21.47 -23.56
C ASN A 338 3.85 -20.04 -23.48
N ALA A 339 3.49 -19.23 -24.47
CA ALA A 339 3.79 -17.81 -24.46
C ALA A 339 2.72 -17.02 -25.20
N LEU A 340 2.51 -15.78 -24.79
CA LEU A 340 1.62 -14.86 -25.47
C LEU A 340 2.37 -14.08 -26.56
N ASP A 341 1.63 -13.46 -27.48
CA ASP A 341 2.26 -12.67 -28.52
C ASP A 341 2.52 -11.21 -28.10
N LEU A 342 2.63 -10.99 -26.80
CA LEU A 342 2.90 -9.66 -26.25
C LEU A 342 4.39 -9.34 -26.17
N MET A 343 4.71 -8.14 -25.69
CA MET A 343 6.09 -7.62 -25.68
C MET A 343 6.78 -7.84 -27.04
N GLU A 344 8.02 -8.31 -27.04
CA GLU A 344 8.71 -8.61 -28.31
C GLU A 344 8.60 -10.08 -28.72
N ASN A 345 7.61 -10.79 -28.19
CA ASN A 345 7.50 -12.23 -28.39
C ASN A 345 7.31 -12.71 -29.83
N LYS A 346 6.62 -11.92 -30.66
CA LYS A 346 6.38 -12.28 -32.06
C LYS A 346 7.69 -12.40 -32.83
N THR A 347 8.76 -11.80 -32.30
CA THR A 347 10.08 -11.87 -32.94
C THR A 347 10.70 -13.26 -32.88
N PHE A 348 10.26 -14.09 -31.92
CA PHE A 348 10.81 -15.45 -31.78
C PHE A 348 9.82 -16.60 -31.95
N LEU A 349 8.53 -16.33 -31.85
CA LEU A 349 7.52 -17.40 -31.79
C LEU A 349 7.60 -18.39 -32.97
N GLU A 350 7.51 -17.88 -34.20
CA GLU A 350 7.56 -18.74 -35.38
C GLU A 350 8.92 -19.43 -35.52
N LYS A 351 9.99 -18.66 -35.40
CA LYS A 351 11.37 -19.16 -35.51
C LYS A 351 11.68 -20.32 -34.55
N LEU A 352 11.13 -20.26 -33.35
CA LEU A 352 11.36 -21.31 -32.36
C LEU A 352 10.31 -22.40 -32.39
N LYS A 353 9.49 -22.41 -33.44
CA LYS A 353 8.55 -23.50 -33.72
C LYS A 353 7.33 -23.57 -32.79
N PHE A 354 6.98 -22.43 -32.19
CA PHE A 354 5.70 -22.28 -31.52
C PHE A 354 4.57 -22.37 -32.52
N GLY A 355 3.48 -23.02 -32.13
CA GLY A 355 2.27 -23.06 -32.93
C GLY A 355 1.19 -22.21 -32.29
N ILE A 356 0.43 -21.50 -33.12
CA ILE A 356 -0.63 -20.61 -32.63
C ILE A 356 -1.76 -21.40 -31.96
N GLY A 357 -2.30 -20.84 -30.87
CA GLY A 357 -3.37 -21.50 -30.13
C GLY A 357 -4.74 -21.06 -30.61
N ASP A 358 -5.78 -21.67 -30.02
CA ASP A 358 -7.14 -21.30 -30.33
C ASP A 358 -7.57 -20.05 -29.57
N GLY A 359 -7.30 -20.05 -28.26
CA GLY A 359 -7.79 -19.00 -27.37
C GLY A 359 -7.06 -17.66 -27.46
N ASN A 360 -7.86 -16.59 -27.46
CA ASN A 360 -7.38 -15.24 -27.22
C ASN A 360 -7.30 -14.98 -25.72
N LEU A 361 -6.52 -13.98 -25.34
CA LEU A 361 -6.57 -13.43 -23.99
C LEU A 361 -6.73 -11.91 -24.09
N GLN A 362 -7.87 -11.42 -23.63
CA GLN A 362 -8.18 -10.01 -23.68
C GLN A 362 -7.67 -9.31 -22.41
N TYR A 363 -7.08 -8.12 -22.58
CA TYR A 363 -6.63 -7.29 -21.47
C TYR A 363 -7.61 -6.14 -21.25
N TYR A 364 -7.96 -5.90 -19.99
CA TYR A 364 -8.93 -4.88 -19.62
C TYR A 364 -8.44 -3.99 -18.49
N LEU A 365 -8.90 -2.75 -18.52
CA LEU A 365 -8.81 -1.85 -17.39
C LEU A 365 -10.22 -1.52 -16.92
N TYR A 366 -10.38 -1.39 -15.61
CA TYR A 366 -11.66 -1.00 -15.01
C TYR A 366 -11.54 0.47 -14.62
N ASN A 367 -12.50 1.28 -15.09
CA ASN A 367 -12.52 2.71 -14.76
C ASN A 367 -11.28 3.48 -15.28
N TRP A 368 -10.81 3.11 -16.47
CA TRP A 368 -9.78 3.86 -17.17
C TRP A 368 -10.01 3.78 -18.67
N LYS A 369 -10.21 4.93 -19.29
CA LYS A 369 -10.42 4.99 -20.74
C LYS A 369 -9.15 5.49 -21.41
N CYS A 370 -8.69 4.73 -22.40
CA CYS A 370 -7.50 5.07 -23.17
C CYS A 370 -7.58 4.35 -24.51
N PRO A 371 -6.77 4.78 -25.49
CA PRO A 371 -6.71 4.08 -26.77
C PRO A 371 -6.23 2.64 -26.58
N SER A 372 -6.77 1.72 -27.36
CA SER A 372 -6.31 0.34 -27.33
C SER A 372 -4.92 0.24 -27.97
N MET A 373 -4.25 -0.88 -27.75
CA MET A 373 -2.88 -1.05 -28.23
C MET A 373 -2.70 -2.43 -28.84
N GLY A 374 -1.69 -2.55 -29.70
CA GLY A 374 -1.32 -3.83 -30.28
C GLY A 374 -0.65 -4.70 -29.25
N ALA A 375 -0.74 -6.02 -29.44
CA ALA A 375 -0.17 -7.00 -28.50
C ALA A 375 1.29 -6.68 -28.13
N GLU A 376 2.05 -6.20 -29.11
CA GLU A 376 3.46 -5.90 -28.89
C GLU A 376 3.72 -4.73 -27.93
N LYS A 377 2.68 -3.94 -27.64
CA LYS A 377 2.82 -2.84 -26.67
C LYS A 377 2.33 -3.23 -25.27
N VAL A 378 1.79 -4.44 -25.15
CA VAL A 378 1.39 -4.96 -23.84
C VAL A 378 2.63 -5.55 -23.17
N GLY A 379 2.94 -5.06 -21.95
CA GLY A 379 4.11 -5.52 -21.20
C GLY A 379 3.76 -5.98 -19.81
N LEU A 380 2.60 -6.65 -19.71
CA LEU A 380 2.11 -7.13 -18.43
C LEU A 380 1.70 -8.59 -18.56
N VAL A 381 2.21 -9.42 -17.65
CA VAL A 381 1.87 -10.85 -17.63
C VAL A 381 1.26 -11.18 -16.27
N LEU A 382 0.08 -11.79 -16.28
CA LEU A 382 -0.60 -12.22 -15.06
C LEU A 382 -0.67 -13.75 -14.98
N GLN A 383 -0.84 -14.28 -13.76
CA GLN A 383 -0.83 -15.74 -13.54
C GLN A 383 -2.14 -16.41 -13.93
N SER B 3 25.92 25.11 7.95
CA SER B 3 26.42 23.75 7.56
C SER B 3 25.70 22.61 8.27
N TYR B 4 25.35 21.59 7.48
CA TYR B 4 24.70 20.39 7.99
C TYR B 4 25.44 19.16 7.46
N GLN B 5 26.34 18.62 8.28
CA GLN B 5 27.17 17.47 7.91
C GLN B 5 26.37 16.31 7.32
N PHE B 6 25.23 16.00 7.94
CA PHE B 6 24.34 14.96 7.40
C PHE B 6 23.40 15.51 6.33
N TRP B 7 22.63 16.54 6.67
CA TRP B 7 21.56 17.01 5.80
C TRP B 7 22.02 17.56 4.45
N ASP B 8 23.24 18.11 4.39
CA ASP B 8 23.79 18.58 3.10
C ASP B 8 24.01 17.43 2.11
N THR B 9 24.02 16.19 2.59
CA THR B 9 24.19 15.02 1.73
C THR B 9 22.89 14.46 1.16
N GLN B 10 21.75 14.99 1.61
CA GLN B 10 20.42 14.44 1.33
C GLN B 10 19.67 15.15 0.20
N PRO B 11 18.71 14.45 -0.44
CA PRO B 11 17.91 15.02 -1.54
C PRO B 11 16.82 15.94 -1.03
N VAL B 12 17.24 17.09 -0.49
CA VAL B 12 16.34 18.11 0.05
C VAL B 12 16.86 19.47 -0.40
N PRO B 13 15.98 20.51 -0.40
CA PRO B 13 16.41 21.84 -0.82
C PRO B 13 17.40 22.44 0.16
N LYS B 14 18.14 23.45 -0.31
CA LYS B 14 19.07 24.17 0.56
C LYS B 14 18.29 25.21 1.37
N LEU B 15 18.71 25.42 2.61
CA LEU B 15 18.16 26.46 3.44
C LEU B 15 18.30 27.81 2.71
N GLY B 16 17.20 28.54 2.62
CA GLY B 16 17.19 29.83 1.94
C GLY B 16 17.13 29.75 0.43
N GLU B 17 16.96 28.55 -0.13
CA GLU B 17 16.76 28.36 -1.56
C GLU B 17 15.36 28.83 -1.94
N VAL B 18 15.26 29.60 -3.01
CA VAL B 18 13.96 30.00 -3.55
C VAL B 18 13.53 28.97 -4.59
N VAL B 19 12.37 28.36 -4.38
CA VAL B 19 11.92 27.26 -5.23
C VAL B 19 10.76 27.67 -6.13
N ASN B 20 10.96 27.48 -7.44
CA ASN B 20 9.96 27.76 -8.46
C ASN B 20 9.52 26.49 -9.19
N THR B 21 9.92 25.33 -8.67
CA THR B 21 9.67 24.05 -9.33
C THR B 21 8.86 23.11 -8.42
N HIS B 22 8.45 21.96 -8.98
CA HIS B 22 7.68 20.95 -8.25
C HIS B 22 8.10 19.56 -8.74
N GLY B 23 8.83 18.82 -7.92
CA GLY B 23 9.24 17.46 -8.28
C GLY B 23 10.37 16.87 -7.47
N PRO B 24 10.79 15.62 -7.79
CA PRO B 24 11.85 14.94 -7.03
C PRO B 24 13.20 15.65 -7.15
N VAL B 25 14.05 15.45 -6.15
CA VAL B 25 15.38 16.07 -6.12
C VAL B 25 16.41 15.16 -6.80
N GLU B 26 16.17 13.85 -6.74
CA GLU B 26 17.09 12.86 -7.32
C GLU B 26 16.29 11.76 -8.02
N PRO B 27 16.93 10.99 -8.91
CA PRO B 27 16.18 9.90 -9.52
C PRO B 27 15.94 8.78 -8.52
N ASP B 28 14.86 8.02 -8.75
CA ASP B 28 14.58 6.80 -7.98
C ASP B 28 15.75 5.83 -8.03
N LYS B 29 15.98 5.13 -6.93
CA LYS B 29 16.95 4.05 -6.89
C LYS B 29 16.35 2.86 -7.65
N ASP B 30 17.09 2.32 -8.61
CA ASP B 30 16.60 1.15 -9.36
C ASP B 30 17.34 -0.12 -8.97
N ASN B 31 18.44 0.08 -8.25
N ASN B 31 18.32 -0.01 -8.07
CA ASN B 31 19.03 -0.92 -7.42
CA ASN B 31 18.97 -1.17 -7.46
C ASN B 31 18.91 -0.29 -6.08
C ASN B 31 19.41 -0.98 -6.01
N ILE B 32 18.44 -1.06 -5.11
CA ILE B 32 18.56 -0.65 -3.72
C ILE B 32 19.54 -1.51 -2.95
N ARG B 33 20.40 -0.85 -2.17
CA ARG B 33 21.35 -1.49 -1.25
C ARG B 33 20.64 -2.54 -0.40
N GLN B 34 21.11 -3.79 -0.47
CA GLN B 34 20.44 -4.90 0.21
C GLN B 34 20.88 -5.03 1.66
N GLU B 35 22.07 -4.52 1.97
CA GLU B 35 22.60 -4.64 3.32
CA GLU B 35 22.66 -4.63 3.31
C GLU B 35 22.27 -3.41 4.17
N PRO B 36 21.92 -3.65 5.44
CA PRO B 36 21.66 -2.52 6.34
C PRO B 36 22.91 -1.66 6.52
N TYR B 37 22.70 -0.37 6.77
CA TYR B 37 23.81 0.53 7.05
C TYR B 37 24.48 0.19 8.37
N THR B 38 25.75 0.57 8.48
CA THR B 38 26.55 0.25 9.66
C THR B 38 26.31 1.26 10.79
N LEU B 39 25.90 0.74 11.94
CA LEU B 39 25.75 1.53 13.16
C LEU B 39 27.11 1.67 13.85
N PRO B 40 27.26 2.70 14.71
CA PRO B 40 28.45 2.77 15.56
C PRO B 40 28.68 1.43 16.27
N GLN B 41 29.95 1.07 16.44
CA GLN B 41 30.30 -0.19 17.09
CA GLN B 41 30.35 -0.16 17.12
C GLN B 41 29.60 -0.36 18.46
N GLY B 42 29.08 -1.57 18.67
CA GLY B 42 28.35 -1.91 19.89
C GLY B 42 26.83 -1.85 19.78
N PHE B 43 26.32 -1.49 18.60
CA PHE B 43 24.88 -1.37 18.37
C PHE B 43 24.44 -2.14 17.13
N THR B 44 23.17 -2.53 17.12
CA THR B 44 22.65 -3.38 16.05
C THR B 44 21.16 -3.13 15.79
N TRP B 45 20.73 -3.40 14.56
CA TRP B 45 19.31 -3.23 14.18
C TRP B 45 18.43 -4.31 14.78
N ASP B 46 17.17 -3.95 15.01
CA ASP B 46 16.15 -4.93 15.36
C ASP B 46 14.79 -4.34 15.04
N ALA B 47 14.07 -4.95 14.09
CA ALA B 47 12.70 -4.56 13.80
C ALA B 47 11.79 -4.97 14.97
N LEU B 48 10.95 -4.05 15.40
CA LEU B 48 10.16 -4.25 16.60
C LEU B 48 8.76 -4.73 16.26
N ASP B 49 8.44 -5.95 16.70
CA ASP B 49 7.09 -6.49 16.57
C ASP B 49 6.25 -5.94 17.71
N LEU B 50 5.44 -4.92 17.40
CA LEU B 50 4.61 -4.26 18.41
C LEU B 50 3.40 -5.09 18.83
N GLY B 51 3.15 -6.17 18.10
CA GLY B 51 2.13 -7.16 18.49
C GLY B 51 2.61 -8.01 19.66
N ASP B 52 3.93 -8.02 19.87
CA ASP B 52 4.58 -8.67 21.02
C ASP B 52 4.54 -7.67 22.19
N ARG B 53 3.72 -7.98 23.20
CA ARG B 53 3.51 -7.06 24.34
C ARG B 53 4.80 -6.55 24.99
N GLY B 54 5.73 -7.47 25.26
CA GLY B 54 7.00 -7.13 25.88
C GLY B 54 7.82 -6.13 25.08
N VAL B 55 7.81 -6.33 23.76
CA VAL B 55 8.52 -5.43 22.83
C VAL B 55 7.84 -4.06 22.76
N LEU B 56 6.50 -4.05 22.68
CA LEU B 56 5.76 -2.79 22.77
C LEU B 56 6.08 -2.06 24.08
N LYS B 57 6.16 -2.78 25.18
CA LYS B 57 6.52 -2.14 26.45
C LYS B 57 7.96 -1.58 26.42
N GLU B 58 8.86 -2.27 25.72
CA GLU B 58 10.23 -1.74 25.55
C GLU B 58 10.23 -0.42 24.79
N LEU B 59 9.44 -0.33 23.71
CA LEU B 59 9.33 0.93 22.96
C LEU B 59 8.71 2.00 23.84
N TYR B 60 7.61 1.66 24.52
CA TYR B 60 6.94 2.59 25.41
C TYR B 60 7.96 3.19 26.38
N THR B 61 8.79 2.33 26.98
CA THR B 61 9.81 2.75 27.94
C THR B 61 10.87 3.67 27.34
N LEU B 62 11.40 3.31 26.17
CA LEU B 62 12.38 4.15 25.49
C LEU B 62 11.81 5.56 25.27
N LEU B 63 10.60 5.63 24.75
CA LEU B 63 9.99 6.93 24.46
C LEU B 63 9.62 7.68 25.74
N ASN B 64 9.02 6.97 26.70
CA ASN B 64 8.66 7.60 27.99
C ASN B 64 9.85 8.26 28.66
N GLU B 65 11.04 7.67 28.50
CA GLU B 65 12.24 8.14 29.17
C GLU B 65 13.11 9.08 28.33
N ASN B 66 12.97 9.03 27.00
CA ASN B 66 13.93 9.70 26.10
C ASN B 66 13.36 10.49 24.92
N TYR B 67 12.04 10.61 24.82
CA TYR B 67 11.43 11.29 23.67
C TYR B 67 11.34 12.81 23.91
N VAL B 68 10.47 13.48 23.15
CA VAL B 68 10.47 14.94 23.09
C VAL B 68 10.22 15.60 24.44
N GLU B 69 11.09 16.54 24.80
CA GLU B 69 10.91 17.38 25.97
C GLU B 69 10.71 18.83 25.53
N ASP B 70 10.12 19.64 26.41
CA ASP B 70 10.03 21.08 26.15
C ASP B 70 11.43 21.69 26.28
N ASP B 71 11.58 22.94 25.84
CA ASP B 71 12.87 23.64 25.93
C ASP B 71 13.40 23.79 27.37
N ASP B 72 12.49 23.88 28.34
CA ASP B 72 12.89 24.00 29.75
C ASP B 72 13.16 22.68 30.46
N ASN B 73 13.08 21.56 29.73
CA ASN B 73 13.26 20.22 30.31
C ASN B 73 12.37 19.95 31.53
N MET B 74 11.09 20.31 31.42
CA MET B 74 10.13 20.13 32.50
C MET B 74 9.03 19.10 32.20
N PHE B 75 8.75 18.92 30.91
CA PHE B 75 7.71 17.99 30.45
C PHE B 75 8.22 17.13 29.32
N ARG B 76 7.87 15.86 29.35
CA ARG B 76 8.23 14.91 28.29
C ARG B 76 7.00 14.11 27.86
N PHE B 77 6.82 13.97 26.54
CA PHE B 77 5.69 13.20 26.03
C PHE B 77 5.63 11.81 26.66
N ASP B 78 4.41 11.39 26.99
CA ASP B 78 4.17 10.07 27.55
C ASP B 78 3.11 9.32 26.73
N TYR B 79 3.48 8.94 25.51
CA TYR B 79 2.61 8.13 24.65
C TYR B 79 2.29 6.78 25.30
N SER B 80 1.02 6.40 25.36
CA SER B 80 0.63 5.11 25.93
C SER B 80 0.94 3.97 24.95
N PRO B 81 1.08 2.72 25.45
CA PRO B 81 1.27 1.60 24.52
C PRO B 81 0.14 1.49 23.50
N GLU B 82 -1.10 1.71 23.93
CA GLU B 82 -2.26 1.62 23.04
C GLU B 82 -2.28 2.74 21.99
N PHE B 83 -1.90 3.95 22.40
CA PHE B 83 -1.71 5.05 21.45
C PHE B 83 -0.66 4.70 20.40
N LEU B 84 0.45 4.12 20.85
CA LEU B 84 1.52 3.73 19.93
C LEU B 84 1.04 2.73 18.88
N LEU B 85 0.22 1.76 19.28
CA LEU B 85 -0.38 0.83 18.30
C LEU B 85 -1.25 1.56 17.29
N TRP B 86 -2.04 2.52 17.77
CA TRP B 86 -2.87 3.34 16.89
C TRP B 86 -2.02 4.08 15.86
N ALA B 87 -0.97 4.74 16.34
CA ALA B 87 -0.13 5.59 15.49
C ALA B 87 0.80 4.83 14.56
N LEU B 88 1.22 3.63 14.98
CA LEU B 88 2.23 2.86 14.26
C LEU B 88 1.69 1.68 13.45
N ARG B 89 0.42 1.31 13.69
CA ARG B 89 -0.21 0.24 12.90
C ARG B 89 -1.49 0.67 12.15
N PRO B 90 -1.43 1.77 11.36
CA PRO B 90 -2.55 2.14 10.50
C PRO B 90 -2.61 1.22 9.27
N PRO B 91 -3.67 1.34 8.44
CA PRO B 91 -3.74 0.56 7.20
C PRO B 91 -2.43 0.61 6.40
N GLY B 92 -1.89 -0.56 6.09
CA GLY B 92 -0.71 -0.67 5.24
C GLY B 92 0.61 -0.67 5.98
N TRP B 93 0.54 -0.68 7.31
CA TRP B 93 1.76 -0.67 8.12
C TRP B 93 2.61 -1.91 7.80
N LEU B 94 3.92 -1.75 7.94
CA LEU B 94 4.89 -2.81 7.66
C LEU B 94 5.85 -2.99 8.83
N PRO B 95 6.15 -4.25 9.19
CA PRO B 95 6.99 -4.54 10.35
C PRO B 95 8.43 -4.03 10.25
N GLN B 96 9.00 -4.07 9.03
CA GLN B 96 10.38 -3.64 8.82
C GLN B 96 10.51 -2.12 8.99
N TRP B 97 9.38 -1.42 9.00
CA TRP B 97 9.36 0.03 9.12
C TRP B 97 9.22 0.49 10.59
N HIS B 98 9.20 -0.47 11.51
CA HIS B 98 9.36 -0.20 12.95
C HIS B 98 10.80 -0.53 13.33
N CYS B 99 11.68 0.46 13.13
CA CYS B 99 13.11 0.21 13.08
C CYS B 99 13.80 0.56 14.40
N GLY B 100 14.15 -0.47 15.17
CA GLY B 100 14.80 -0.27 16.47
C GLY B 100 16.30 -0.43 16.41
N VAL B 101 16.97 0.09 17.45
CA VAL B 101 18.42 -0.07 17.64
C VAL B 101 18.62 -0.59 19.06
N ARG B 102 19.38 -1.67 19.19
CA ARG B 102 19.69 -2.26 20.48
C ARG B 102 21.20 -2.31 20.72
N VAL B 103 21.58 -2.26 22.00
CA VAL B 103 22.94 -2.53 22.41
C VAL B 103 23.23 -4.00 22.10
N VAL B 104 24.37 -4.28 21.48
CA VAL B 104 24.69 -5.65 21.06
C VAL B 104 24.70 -6.64 22.22
N SER B 105 25.40 -6.30 23.29
CA SER B 105 25.63 -7.24 24.39
C SER B 105 24.39 -7.45 25.27
N SER B 106 23.73 -6.36 25.63
CA SER B 106 22.61 -6.38 26.57
C SER B 106 21.25 -6.46 25.90
N ARG B 107 21.22 -6.14 24.60
CA ARG B 107 19.98 -6.06 23.82
C ARG B 107 19.04 -4.93 24.26
N LYS B 108 19.53 -4.03 25.10
CA LYS B 108 18.74 -2.87 25.55
C LYS B 108 18.32 -2.00 24.35
N LEU B 109 17.03 -1.66 24.29
CA LEU B 109 16.54 -0.78 23.24
C LEU B 109 17.01 0.66 23.49
N VAL B 110 17.82 1.19 22.59
CA VAL B 110 18.39 2.54 22.76
C VAL B 110 18.08 3.48 21.60
N GLY B 111 17.36 3.00 20.60
CA GLY B 111 17.05 3.84 19.44
C GLY B 111 15.81 3.37 18.71
N PHE B 112 15.16 4.30 18.01
CA PHE B 112 13.97 3.98 17.20
C PHE B 112 13.71 5.03 16.12
N ILE B 113 13.12 4.57 15.02
CA ILE B 113 12.53 5.42 13.99
C ILE B 113 11.43 4.62 13.30
N SER B 114 10.37 5.30 12.85
CA SER B 114 9.27 4.59 12.21
C SER B 114 8.84 5.24 10.89
N ALA B 115 8.29 4.41 10.01
CA ALA B 115 7.63 4.90 8.81
C ALA B 115 6.23 4.26 8.77
N ILE B 116 5.24 5.05 8.39
CA ILE B 116 3.92 4.52 8.01
C ILE B 116 3.55 5.07 6.63
N PRO B 117 2.80 4.29 5.84
CA PRO B 117 2.47 4.78 4.49
C PRO B 117 1.40 5.84 4.55
N ALA B 118 1.48 6.81 3.64
CA ALA B 118 0.45 7.82 3.52
C ALA B 118 0.46 8.36 2.11
N ASN B 119 -0.72 8.50 1.53
CA ASN B 119 -0.87 9.23 0.28
C ASN B 119 -0.96 10.71 0.60
N ILE B 120 -0.13 11.51 -0.07
CA ILE B 120 0.00 12.92 0.27
C ILE B 120 -0.27 13.80 -0.96
N HIS B 121 -1.12 14.81 -0.78
CA HIS B 121 -1.42 15.79 -1.83
C HIS B 121 -0.55 17.01 -1.54
N ILE B 122 0.35 17.32 -2.48
CA ILE B 122 1.25 18.46 -2.35
C ILE B 122 1.09 19.32 -3.61
N TYR B 123 0.53 20.52 -3.41
CA TYR B 123 0.12 21.38 -4.52
C TYR B 123 -0.71 20.53 -5.52
N ASP B 124 -0.26 20.47 -6.79
CA ASP B 124 -1.02 19.76 -7.82
C ASP B 124 -0.69 18.27 -8.04
N THR B 125 0.06 17.69 -7.11
CA THR B 125 0.50 16.31 -7.23
C THR B 125 0.08 15.47 -6.02
N GLU B 126 -0.39 14.25 -6.28
CA GLU B 126 -0.59 13.25 -5.23
CA GLU B 126 -0.59 13.25 -5.23
C GLU B 126 0.49 12.19 -5.37
N LYS B 127 1.16 11.89 -4.26
CA LYS B 127 2.25 10.94 -4.25
C LYS B 127 2.12 9.96 -3.09
N LYS B 128 2.42 8.69 -3.35
CA LYS B 128 2.58 7.69 -2.30
CA LYS B 128 2.54 7.73 -2.27
C LYS B 128 3.83 8.04 -1.54
N MET B 129 3.70 8.30 -0.23
CA MET B 129 4.82 8.66 0.60
C MET B 129 4.83 7.82 1.87
N VAL B 130 5.80 8.08 2.74
CA VAL B 130 5.70 7.65 4.12
C VAL B 130 5.75 8.86 5.05
N GLU B 131 5.16 8.72 6.22
CA GLU B 131 5.31 9.70 7.29
C GLU B 131 6.31 9.13 8.27
N ILE B 132 7.34 9.91 8.59
CA ILE B 132 8.39 9.50 9.52
C ILE B 132 8.11 10.14 10.86
N ASN B 133 8.14 9.33 11.92
CA ASN B 133 7.84 9.77 13.26
C ASN B 133 8.58 8.92 14.28
N PHE B 134 8.60 9.39 15.52
CA PHE B 134 9.16 8.67 16.66
C PHE B 134 10.67 8.41 16.58
N LEU B 135 11.39 9.29 15.89
CA LEU B 135 12.86 9.25 15.92
C LEU B 135 13.30 9.54 17.36
N CYS B 136 14.08 8.62 17.92
CA CYS B 136 14.47 8.71 19.32
C CYS B 136 15.78 8.01 19.57
N VAL B 137 16.70 8.70 20.25
CA VAL B 137 17.97 8.12 20.68
C VAL B 137 18.06 8.28 22.19
N HIS B 138 18.40 7.20 22.88
CA HIS B 138 18.57 7.21 24.33
C HIS B 138 19.46 8.37 24.77
N LYS B 139 19.10 9.00 25.88
CA LYS B 139 19.85 10.12 26.45
C LYS B 139 21.35 9.85 26.60
N LYS B 140 21.69 8.63 26.98
CA LYS B 140 23.09 8.24 27.19
C LYS B 140 23.86 8.04 25.87
N LEU B 141 23.11 8.01 24.77
CA LEU B 141 23.69 7.75 23.45
C LEU B 141 23.64 9.00 22.55
N ARG B 142 23.25 10.13 23.14
CA ARG B 142 23.08 11.36 22.37
C ARG B 142 24.41 11.90 21.85
N SER B 143 24.35 12.60 20.71
CA SER B 143 25.50 13.24 20.06
C SER B 143 26.59 12.27 19.63
N LYS B 144 26.18 11.05 19.27
CA LYS B 144 27.12 10.05 18.78
C LYS B 144 26.85 9.68 17.33
N ARG B 145 26.10 10.54 16.64
CA ARG B 145 25.74 10.37 15.21
C ARG B 145 24.98 9.09 14.92
N VAL B 146 24.13 8.69 15.85
CA VAL B 146 23.24 7.54 15.62
C VAL B 146 22.05 7.96 14.76
N ALA B 147 21.56 9.17 14.97
CA ALA B 147 20.38 9.66 14.24
C ALA B 147 20.53 9.64 12.70
N PRO B 148 21.69 10.09 12.16
CA PRO B 148 21.84 10.00 10.69
C PRO B 148 21.78 8.56 10.17
N VAL B 149 22.26 7.59 10.97
CA VAL B 149 22.20 6.19 10.57
C VAL B 149 20.75 5.70 10.60
N LEU B 150 20.01 6.08 11.64
CA LEU B 150 18.58 5.76 11.71
C LEU B 150 17.84 6.31 10.49
N ILE B 151 18.16 7.53 10.09
CA ILE B 151 17.47 8.16 8.96
C ILE B 151 17.81 7.46 7.65
N ARG B 152 19.08 7.13 7.45
CA ARG B 152 19.49 6.43 6.24
CA ARG B 152 19.49 6.44 6.23
C ARG B 152 18.90 5.02 6.15
N GLU B 153 18.85 4.34 7.29
CA GLU B 153 18.34 2.97 7.32
C GLU B 153 16.83 2.93 7.01
N ILE B 154 16.06 3.83 7.61
CA ILE B 154 14.62 3.86 7.26
C ILE B 154 14.41 4.26 5.80
N THR B 155 15.23 5.18 5.28
CA THR B 155 15.20 5.56 3.86
C THR B 155 15.40 4.32 2.98
N ARG B 156 16.43 3.53 3.29
CA ARG B 156 16.72 2.31 2.55
C ARG B 156 15.53 1.33 2.59
N ARG B 157 14.95 1.13 3.77
CA ARG B 157 13.85 0.18 3.94
C ARG B 157 12.57 0.62 3.22
N VAL B 158 12.39 1.93 3.10
CA VAL B 158 11.25 2.49 2.40
C VAL B 158 11.48 2.40 0.88
N HIS B 159 12.71 2.66 0.44
CA HIS B 159 13.09 2.49 -0.97
C HIS B 159 12.83 1.07 -1.48
N LEU B 160 13.03 0.08 -0.61
CA LEU B 160 12.82 -1.32 -1.01
C LEU B 160 11.37 -1.60 -1.37
N GLU B 161 10.46 -0.83 -0.78
CA GLU B 161 9.02 -0.93 -1.06
C GLU B 161 8.57 -0.01 -2.19
N GLY B 162 9.53 0.62 -2.87
CA GLY B 162 9.22 1.42 -4.06
C GLY B 162 8.67 2.80 -3.77
N ILE B 163 8.94 3.30 -2.57
CA ILE B 163 8.50 4.64 -2.16
C ILE B 163 9.73 5.56 -2.03
N PHE B 164 9.65 6.76 -2.60
CA PHE B 164 10.83 7.63 -2.72
C PHE B 164 10.64 9.04 -2.18
N GLN B 165 9.49 9.29 -1.57
CA GLN B 165 9.20 10.58 -0.93
C GLN B 165 8.69 10.34 0.48
N ALA B 166 8.91 11.31 1.36
CA ALA B 166 8.42 11.25 2.73
C ALA B 166 8.01 12.64 3.23
N VAL B 167 7.11 12.66 4.21
CA VAL B 167 6.81 13.89 4.94
C VAL B 167 7.18 13.67 6.41
N TYR B 168 7.67 14.73 7.04
CA TYR B 168 8.08 14.65 8.46
C TYR B 168 8.01 16.03 9.10
N THR B 169 7.94 16.03 10.43
CA THR B 169 7.97 17.28 11.20
C THR B 169 9.09 17.22 12.23
N ALA B 170 9.62 18.38 12.60
CA ALA B 170 10.57 18.47 13.70
C ALA B 170 10.49 19.86 14.33
N GLY B 171 10.98 19.98 15.55
CA GLY B 171 11.01 21.28 16.26
C GLY B 171 12.26 22.08 15.95
N VAL B 172 13.17 21.50 15.19
CA VAL B 172 14.43 22.16 14.83
C VAL B 172 14.44 22.52 13.35
N VAL B 173 15.25 23.52 12.99
CA VAL B 173 15.40 23.97 11.61
C VAL B 173 16.46 23.16 10.87
N LEU B 174 16.04 22.57 9.75
CA LEU B 174 16.86 21.72 8.89
C LEU B 174 16.59 22.15 7.45
N PRO B 175 17.45 21.75 6.49
CA PRO B 175 17.11 22.07 5.10
C PRO B 175 15.97 21.14 4.64
N LYS B 176 14.85 21.67 4.15
CA LYS B 176 14.44 23.08 4.23
C LYS B 176 12.92 23.04 4.47
N PRO B 177 12.43 23.78 5.48
CA PRO B 177 11.00 23.66 5.79
C PRO B 177 10.10 24.06 4.63
N VAL B 178 9.07 23.26 4.35
CA VAL B 178 8.08 23.64 3.34
CA VAL B 178 8.05 23.60 3.34
C VAL B 178 7.00 24.50 3.97
N GLY B 179 6.89 24.42 5.30
CA GLY B 179 5.93 25.19 6.10
C GLY B 179 6.37 25.26 7.55
N THR B 180 6.14 26.42 8.17
CA THR B 180 6.48 26.59 9.58
C THR B 180 5.23 26.89 10.40
N CYS B 181 4.96 26.04 11.39
CA CYS B 181 3.83 26.24 12.28
C CYS B 181 4.29 26.57 13.70
N ARG B 182 3.34 27.02 14.51
CA ARG B 182 3.55 27.40 15.92
CA ARG B 182 3.60 27.31 15.91
C ARG B 182 2.50 26.69 16.78
N TYR B 183 2.93 26.13 17.91
CA TYR B 183 1.97 25.58 18.87
C TYR B 183 1.32 26.69 19.69
N TRP B 184 0.03 26.52 19.96
CA TRP B 184 -0.74 27.40 20.84
C TRP B 184 -1.42 26.51 21.89
N HIS B 185 -1.63 27.06 23.08
CA HIS B 185 -2.24 26.32 24.20
CA HIS B 185 -2.24 26.32 24.20
C HIS B 185 -3.47 27.03 24.74
N ARG B 186 -4.48 26.25 25.09
CA ARG B 186 -5.66 26.81 25.74
C ARG B 186 -5.82 26.16 27.12
N SER B 187 -5.65 26.98 28.16
CA SER B 187 -5.77 26.51 29.54
CA SER B 187 -5.77 26.51 29.54
C SER B 187 -7.18 26.01 29.84
N LEU B 188 -7.26 24.77 30.35
CA LEU B 188 -8.54 24.21 30.77
C LEU B 188 -8.59 24.10 32.30
N ASN B 189 -7.46 23.75 32.90
CA ASN B 189 -7.34 23.59 34.35
C ASN B 189 -6.18 24.45 34.83
N PRO B 190 -6.39 25.78 34.94
CA PRO B 190 -5.28 26.70 35.22
C PRO B 190 -4.57 26.41 36.52
N ARG B 191 -5.32 25.98 37.54
CA ARG B 191 -4.75 25.68 38.83
C ARG B 191 -3.62 24.65 38.69
N LYS B 192 -3.89 23.56 37.98
CA LYS B 192 -2.89 22.53 37.74
C LYS B 192 -1.73 23.02 36.86
N LEU B 193 -2.05 23.77 35.79
CA LEU B 193 -1.03 24.27 34.88
C LEU B 193 -0.02 25.19 35.58
N ILE B 194 -0.52 25.98 36.52
CA ILE B 194 0.33 26.87 37.31
C ILE B 194 1.11 26.07 38.36
N GLU B 195 0.45 25.10 38.99
CA GLU B 195 1.07 24.20 39.96
C GLU B 195 2.29 23.45 39.40
N VAL B 196 2.15 22.88 38.20
CA VAL B 196 3.24 22.15 37.55
C VAL B 196 4.16 23.09 36.76
N LYS B 197 3.83 24.38 36.80
CA LYS B 197 4.63 25.44 36.20
C LYS B 197 4.69 25.40 34.66
N PHE B 198 3.64 24.81 34.06
CA PHE B 198 3.40 24.91 32.63
C PHE B 198 2.98 26.35 32.32
N SER B 199 2.13 26.89 33.18
CA SER B 199 1.75 28.30 33.13
C SER B 199 2.32 29.00 34.36
N HIS B 200 2.29 30.33 34.31
CA HIS B 200 2.58 31.14 35.48
C HIS B 200 1.51 32.22 35.59
N LEU B 201 1.30 32.72 36.81
CA LEU B 201 0.34 33.79 37.03
C LEU B 201 0.81 35.09 36.36
N SER B 202 0.00 35.62 35.44
CA SER B 202 0.28 36.90 34.79
C SER B 202 0.49 38.02 35.81
N ARG B 203 1.28 39.03 35.42
CA ARG B 203 1.79 40.06 36.34
C ARG B 203 0.82 40.52 37.45
N ASN B 204 -0.28 41.14 37.06
CA ASN B 204 -1.25 41.64 38.04
C ASN B 204 -2.48 40.74 38.10
N MET B 205 -2.25 39.43 38.22
CA MET B 205 -3.33 38.45 38.16
C MET B 205 -3.26 37.43 39.28
N THR B 206 -4.40 37.21 39.93
CA THR B 206 -4.53 36.22 40.98
C THR B 206 -4.97 34.90 40.37
N MET B 207 -4.91 33.83 41.16
CA MET B 207 -5.42 32.52 40.75
C MET B 207 -6.92 32.60 40.45
N GLN B 208 -7.65 33.26 41.35
CA GLN B 208 -9.10 33.46 41.22
C GLN B 208 -9.47 34.11 39.89
N ARG B 209 -8.74 35.17 39.54
CA ARG B 209 -8.97 35.90 38.30
C ARG B 209 -8.67 35.03 37.07
N THR B 210 -7.61 34.22 37.17
CA THR B 210 -7.22 33.33 36.06
C THR B 210 -8.25 32.23 35.82
N MET B 211 -8.75 31.63 36.90
CA MET B 211 -9.77 30.59 36.80
C MET B 211 -11.05 31.15 36.18
N LYS B 212 -11.36 32.41 36.50
CA LYS B 212 -12.51 33.11 35.94
C LYS B 212 -12.34 33.35 34.43
N LEU B 213 -11.14 33.79 34.03
CA LEU B 213 -10.84 34.06 32.62
C LEU B 213 -11.06 32.85 31.73
N TYR B 214 -10.64 31.69 32.23
CA TYR B 214 -10.62 30.45 31.44
C TYR B 214 -11.81 29.51 31.68
N ARG B 215 -12.75 29.92 32.53
CA ARG B 215 -13.94 29.12 32.80
C ARG B 215 -14.75 28.85 31.53
N LEU B 216 -15.26 27.63 31.40
CA LEU B 216 -16.00 27.20 30.21
C LEU B 216 -17.39 26.71 30.61
N PRO B 217 -18.36 26.77 29.67
CA PRO B 217 -19.65 26.12 29.87
C PRO B 217 -19.47 24.65 30.19
N GLU B 218 -20.44 24.05 30.89
CA GLU B 218 -20.34 22.67 31.32
C GLU B 218 -20.72 21.66 30.22
N THR B 219 -21.56 22.10 29.29
CA THR B 219 -22.01 21.26 28.18
CA THR B 219 -21.98 21.26 28.16
C THR B 219 -21.81 22.00 26.85
N PRO B 220 -21.55 21.26 25.74
CA PRO B 220 -21.42 21.94 24.45
C PRO B 220 -22.74 22.54 23.99
N LYS B 221 -22.68 23.57 23.14
CA LYS B 221 -23.89 24.27 22.71
C LYS B 221 -24.40 23.92 21.31
N THR B 222 -23.54 23.36 20.45
CA THR B 222 -23.93 23.09 19.07
C THR B 222 -25.02 22.03 18.98
N ALA B 223 -26.12 22.36 18.30
CA ALA B 223 -27.25 21.47 18.13
C ALA B 223 -26.84 20.20 17.38
N GLY B 224 -27.15 19.05 17.95
CA GLY B 224 -26.93 17.78 17.25
C GLY B 224 -25.52 17.21 17.36
N LEU B 225 -24.69 17.77 18.24
CA LEU B 225 -23.35 17.24 18.46
C LEU B 225 -23.42 15.91 19.20
N ARG B 226 -22.66 14.93 18.72
CA ARG B 226 -22.61 13.59 19.34
C ARG B 226 -21.33 12.86 18.91
N PRO B 227 -20.88 11.85 19.68
CA PRO B 227 -19.72 11.09 19.22
C PRO B 227 -19.94 10.42 17.87
N MET B 228 -18.86 10.31 17.10
CA MET B 228 -18.87 9.62 15.83
C MET B 228 -19.17 8.14 16.05
N GLU B 229 -19.94 7.55 15.14
CA GLU B 229 -20.26 6.11 15.17
C GLU B 229 -19.87 5.49 13.84
N THR B 230 -19.96 4.16 13.74
CA THR B 230 -19.62 3.43 12.51
C THR B 230 -20.38 3.96 11.28
N LYS B 231 -21.67 4.24 11.46
CA LYS B 231 -22.52 4.76 10.38
C LYS B 231 -22.03 6.10 9.79
N ASP B 232 -21.24 6.85 10.57
CA ASP B 232 -20.70 8.15 10.16
C ASP B 232 -19.40 8.08 9.34
N ILE B 233 -18.80 6.89 9.25
CA ILE B 233 -17.52 6.77 8.55
C ILE B 233 -17.55 7.34 7.12
N PRO B 234 -18.53 6.95 6.29
CA PRO B 234 -18.52 7.47 4.91
C PRO B 234 -18.65 8.99 4.82
N VAL B 235 -19.56 9.58 5.60
CA VAL B 235 -19.78 11.03 5.50
C VAL B 235 -18.59 11.83 6.05
N VAL B 236 -17.98 11.33 7.13
CA VAL B 236 -16.77 11.94 7.70
C VAL B 236 -15.67 11.94 6.62
N HIS B 237 -15.54 10.83 5.90
CA HIS B 237 -14.59 10.72 4.78
C HIS B 237 -14.90 11.75 3.69
N GLN B 238 -16.17 11.86 3.33
CA GLN B 238 -16.62 12.82 2.30
C GLN B 238 -16.32 14.26 2.71
N LEU B 239 -16.74 14.64 3.92
CA LEU B 239 -16.53 15.98 4.46
C LEU B 239 -15.05 16.36 4.49
N LEU B 240 -14.23 15.46 5.02
CA LEU B 240 -12.79 15.71 5.12
C LEU B 240 -12.16 15.92 3.75
N THR B 241 -12.51 15.06 2.79
CA THR B 241 -11.95 15.15 1.43
C THR B 241 -12.22 16.52 0.82
N ARG B 242 -13.47 16.97 0.87
CA ARG B 242 -13.77 18.27 0.29
C ARG B 242 -13.07 19.40 1.04
N TYR B 243 -13.06 19.30 2.37
CA TYR B 243 -12.51 20.35 3.21
C TYR B 243 -11.02 20.57 2.93
N LEU B 244 -10.28 19.49 2.71
CA LEU B 244 -8.83 19.57 2.52
C LEU B 244 -8.39 20.18 1.19
N LYS B 245 -9.31 20.33 0.25
CA LYS B 245 -8.97 20.87 -1.08
C LYS B 245 -8.40 22.29 -1.04
N GLN B 246 -8.78 23.05 -0.02
CA GLN B 246 -8.36 24.46 0.10
C GLN B 246 -6.90 24.63 0.54
N PHE B 247 -6.28 23.55 1.01
CA PHE B 247 -4.91 23.61 1.50
C PHE B 247 -3.91 23.04 0.48
N HIS B 248 -2.62 23.26 0.72
CA HIS B 248 -1.57 22.86 -0.21
C HIS B 248 -0.79 21.60 0.18
N LEU B 249 -0.91 21.17 1.42
CA LEU B 249 -0.25 19.94 1.87
C LEU B 249 -1.24 19.19 2.73
N THR B 250 -1.74 18.06 2.24
CA THR B 250 -2.84 17.37 2.91
C THR B 250 -2.71 15.84 2.79
N PRO B 251 -3.33 15.09 3.72
CA PRO B 251 -3.40 13.65 3.50
C PRO B 251 -4.50 13.32 2.48
N VAL B 252 -4.39 12.16 1.83
CA VAL B 252 -5.48 11.64 1.01
C VAL B 252 -5.81 10.28 1.63
N MET B 253 -6.91 10.24 2.34
CA MET B 253 -7.29 9.05 3.11
C MET B 253 -8.36 8.22 2.43
N SER B 254 -8.17 6.90 2.41
CA SER B 254 -9.24 5.98 2.06
C SER B 254 -10.27 5.96 3.18
N GLN B 255 -11.43 5.36 2.90
CA GLN B 255 -12.46 5.20 3.91
C GLN B 255 -11.96 4.33 5.07
N GLU B 256 -11.12 3.35 4.74
CA GLU B 256 -10.50 2.50 5.77
C GLU B 256 -9.57 3.31 6.69
N GLU B 257 -8.81 4.22 6.10
CA GLU B 257 -7.94 5.12 6.86
C GLU B 257 -8.74 6.08 7.74
N VAL B 258 -9.85 6.59 7.21
CA VAL B 258 -10.73 7.48 7.98
C VAL B 258 -11.24 6.73 9.20
N GLU B 259 -11.67 5.48 9.02
CA GLU B 259 -12.08 4.68 10.18
CA GLU B 259 -12.07 4.64 10.16
C GLU B 259 -10.95 4.60 11.20
N HIS B 260 -9.75 4.26 10.75
CA HIS B 260 -8.63 4.11 11.67
C HIS B 260 -8.31 5.41 12.44
N TRP B 261 -8.21 6.52 11.71
CA TRP B 261 -7.75 7.78 12.31
C TRP B 261 -8.81 8.52 13.13
N PHE B 262 -10.09 8.23 12.88
CA PHE B 262 -11.17 9.00 13.50
C PHE B 262 -12.15 8.27 14.41
N TYR B 263 -12.34 6.97 14.18
CA TYR B 263 -13.28 6.22 15.01
C TYR B 263 -12.85 6.27 16.49
N PRO B 264 -13.75 6.73 17.38
CA PRO B 264 -13.34 7.01 18.76
C PRO B 264 -12.78 5.79 19.49
N GLN B 265 -11.67 6.01 20.18
CA GLN B 265 -11.08 5.03 21.09
C GLN B 265 -10.73 5.79 22.37
N GLU B 266 -11.29 5.37 23.50
CA GLU B 266 -11.07 6.05 24.78
C GLU B 266 -9.59 6.27 25.07
N ASN B 267 -9.25 7.47 25.52
CA ASN B 267 -7.87 7.83 25.87
C ASN B 267 -6.87 7.79 24.71
N ILE B 268 -7.39 7.79 23.48
CA ILE B 268 -6.53 7.87 22.29
C ILE B 268 -7.00 8.93 21.31
N ILE B 269 -8.23 8.76 20.79
CA ILE B 269 -8.79 9.66 19.78
C ILE B 269 -10.28 9.85 20.02
N ASP B 270 -10.70 11.11 19.97
CA ASP B 270 -12.10 11.52 20.11
C ASP B 270 -12.55 12.26 18.87
N THR B 271 -13.71 11.88 18.36
CA THR B 271 -14.31 12.57 17.21
C THR B 271 -15.79 12.76 17.50
N PHE B 272 -16.28 13.98 17.26
CA PHE B 272 -17.67 14.29 17.49
C PHE B 272 -18.23 14.86 16.20
N VAL B 273 -19.41 14.41 15.81
CA VAL B 273 -20.03 14.90 14.59
C VAL B 273 -21.25 15.76 14.92
N VAL B 274 -21.59 16.67 14.02
CA VAL B 274 -22.84 17.43 14.15
C VAL B 274 -23.86 16.79 13.22
N GLU B 275 -24.89 16.17 13.79
CA GLU B 275 -25.99 15.61 13.01
C GLU B 275 -27.20 16.52 13.17
N ASN B 276 -27.62 17.14 12.07
CA ASN B 276 -28.66 18.18 12.15
C ASN B 276 -30.09 17.64 12.24
N ALA B 277 -31.06 18.54 12.20
CA ALA B 277 -32.48 18.18 12.31
C ALA B 277 -32.97 17.27 11.18
N ASN B 278 -32.24 17.26 10.07
CA ASN B 278 -32.56 16.46 8.88
CA ASN B 278 -32.61 16.44 8.92
C ASN B 278 -31.78 15.14 8.86
N GLY B 279 -31.10 14.82 9.96
CA GLY B 279 -30.28 13.61 10.02
C GLY B 279 -28.98 13.67 9.25
N GLU B 280 -28.60 14.86 8.77
CA GLU B 280 -27.40 15.04 7.95
C GLU B 280 -26.21 15.42 8.83
N VAL B 281 -25.08 14.73 8.67
CA VAL B 281 -23.85 15.15 9.35
C VAL B 281 -23.20 16.25 8.53
N THR B 282 -23.00 17.40 9.16
CA THR B 282 -22.53 18.59 8.44
C THR B 282 -21.16 19.07 8.88
N ASP B 283 -20.71 18.62 10.04
CA ASP B 283 -19.46 19.10 10.63
C ASP B 283 -18.88 18.00 11.52
N PHE B 284 -17.58 18.06 11.80
CA PHE B 284 -16.97 17.24 12.85
C PHE B 284 -15.73 17.87 13.44
N LEU B 285 -15.47 17.53 14.71
CA LEU B 285 -14.27 17.96 15.41
C LEU B 285 -13.56 16.71 15.95
N SER B 286 -12.24 16.78 16.06
CA SER B 286 -11.47 15.68 16.62
C SER B 286 -10.23 16.15 17.35
N PHE B 287 -9.83 15.38 18.37
CA PHE B 287 -8.62 15.64 19.14
C PHE B 287 -8.07 14.34 19.70
N TYR B 288 -6.74 14.24 19.78
CA TYR B 288 -6.12 13.03 20.33
C TYR B 288 -5.50 13.26 21.70
N THR B 289 -5.29 12.16 22.42
CA THR B 289 -4.89 12.21 23.82
C THR B 289 -3.41 11.94 23.97
N LEU B 290 -2.67 12.92 24.48
CA LEU B 290 -1.24 12.73 24.69
C LEU B 290 -0.77 13.44 25.97
N PRO B 291 -0.60 12.69 27.06
CA PRO B 291 -0.12 13.33 28.30
C PRO B 291 1.38 13.61 28.27
N SER B 292 1.83 14.49 29.16
CA SER B 292 3.26 14.71 29.37
C SER B 292 3.65 14.45 30.82
N THR B 293 4.76 13.71 30.99
CA THR B 293 5.32 13.45 32.31
C THR B 293 5.81 14.77 32.92
N ILE B 294 5.56 14.96 34.21
CA ILE B 294 6.13 16.08 34.95
C ILE B 294 7.52 15.63 35.40
N MET B 295 8.54 16.15 34.72
CA MET B 295 9.90 15.62 34.84
C MET B 295 10.49 15.78 36.23
N ASN B 296 10.22 16.92 36.87
CA ASN B 296 10.73 17.22 38.22
CA ASN B 296 10.75 17.19 38.21
C ASN B 296 10.02 16.40 39.30
N HIS B 297 8.83 15.91 38.96
CA HIS B 297 8.05 15.08 39.89
C HIS B 297 7.49 13.84 39.18
N PRO B 298 8.34 12.83 38.95
CA PRO B 298 8.04 11.65 38.14
C PRO B 298 6.81 10.85 38.58
N THR B 299 6.52 10.85 39.88
CA THR B 299 5.40 10.08 40.44
C THR B 299 4.08 10.83 40.46
N HIS B 300 4.14 12.14 40.23
CA HIS B 300 2.95 12.98 40.20
CA HIS B 300 2.95 13.00 40.19
C HIS B 300 2.14 12.73 38.92
N LYS B 301 0.83 12.97 38.99
CA LYS B 301 -0.08 12.82 37.86
CA LYS B 301 -0.07 12.82 37.86
C LYS B 301 0.45 13.59 36.65
N SER B 302 0.47 12.92 35.50
CA SER B 302 0.93 13.52 34.25
CA SER B 302 0.95 13.53 34.26
C SER B 302 0.05 14.69 33.84
N LEU B 303 0.64 15.63 33.09
CA LEU B 303 -0.11 16.72 32.47
CA LEU B 303 -0.12 16.72 32.48
C LEU B 303 -0.97 16.13 31.37
N LYS B 304 -2.29 16.25 31.50
CA LYS B 304 -3.21 15.69 30.50
CA LYS B 304 -3.22 15.70 30.50
C LYS B 304 -3.53 16.71 29.41
N ALA B 305 -3.03 16.44 28.20
CA ALA B 305 -3.22 17.35 27.07
C ALA B 305 -4.03 16.71 25.97
N ALA B 306 -4.91 17.51 25.36
CA ALA B 306 -5.62 17.12 24.16
C ALA B 306 -5.00 17.90 23.01
N TYR B 307 -4.93 17.26 21.84
CA TYR B 307 -4.34 17.91 20.67
C TYR B 307 -5.33 17.96 19.54
N SER B 308 -5.57 19.16 19.01
CA SER B 308 -6.44 19.35 17.85
C SER B 308 -5.97 18.51 16.68
N PHE B 309 -6.90 17.79 16.07
CA PHE B 309 -6.58 16.88 14.98
C PHE B 309 -7.14 17.47 13.68
N TYR B 310 -8.25 16.93 13.19
CA TYR B 310 -8.91 17.53 12.03
C TYR B 310 -10.30 18.02 12.41
N ASN B 311 -10.59 19.26 12.05
CA ASN B 311 -11.88 19.89 12.34
C ASN B 311 -12.47 20.43 11.05
N VAL B 312 -13.63 19.88 10.68
CA VAL B 312 -14.26 20.24 9.42
C VAL B 312 -15.59 20.91 9.71
N HIS B 313 -15.79 22.08 9.12
CA HIS B 313 -17.06 22.80 9.25
C HIS B 313 -17.66 23.08 7.88
N THR B 314 -18.97 22.82 7.74
CA THR B 314 -19.70 23.26 6.54
C THR B 314 -20.96 24.06 6.87
N GLN B 315 -21.50 23.88 8.07
CA GLN B 315 -22.74 24.57 8.48
C GLN B 315 -22.70 25.12 9.91
N THR B 316 -21.72 24.68 10.69
CA THR B 316 -21.48 25.23 12.02
C THR B 316 -20.23 26.11 11.94
N PRO B 317 -20.30 27.34 12.48
CA PRO B 317 -19.09 28.17 12.45
C PRO B 317 -17.92 27.46 13.14
N LEU B 318 -16.72 27.56 12.56
CA LEU B 318 -15.54 26.94 13.14
C LEU B 318 -15.33 27.37 14.60
N LEU B 319 -15.55 28.66 14.87
CA LEU B 319 -15.41 29.21 16.22
C LEU B 319 -16.28 28.46 17.23
N ASP B 320 -17.53 28.19 16.84
CA ASP B 320 -18.48 27.44 17.68
C ASP B 320 -18.07 25.98 17.86
N LEU B 321 -17.64 25.35 16.77
CA LEU B 321 -17.18 23.95 16.80
C LEU B 321 -16.00 23.82 17.77
N MET B 322 -15.06 24.74 17.68
CA MET B 322 -13.88 24.71 18.54
C MET B 322 -14.17 25.07 20.00
N SER B 323 -15.16 25.93 20.23
CA SER B 323 -15.61 26.21 21.60
CA SER B 323 -15.64 26.21 21.58
C SER B 323 -16.12 24.93 22.24
N ASP B 324 -16.88 24.16 21.48
CA ASP B 324 -17.40 22.87 21.95
C ASP B 324 -16.30 21.83 22.17
N ALA B 325 -15.28 21.87 21.31
CA ALA B 325 -14.11 21.00 21.48
C ALA B 325 -13.45 21.24 22.84
N LEU B 326 -13.30 22.52 23.21
CA LEU B 326 -12.74 22.89 24.51
C LEU B 326 -13.60 22.40 25.65
N VAL B 327 -14.91 22.57 25.54
CA VAL B 327 -15.86 22.10 26.56
C VAL B 327 -15.77 20.59 26.74
N LEU B 328 -15.75 19.86 25.62
CA LEU B 328 -15.66 18.41 25.65
C LEU B 328 -14.36 17.92 26.31
N ALA B 329 -13.25 18.54 25.94
CA ALA B 329 -11.95 18.21 26.51
C ALA B 329 -11.91 18.46 28.02
N LYS B 330 -12.43 19.62 28.45
CA LYS B 330 -12.57 19.94 29.87
C LYS B 330 -13.41 18.88 30.57
N MET B 331 -14.55 18.54 29.98
CA MET B 331 -15.42 17.48 30.50
C MET B 331 -14.68 16.17 30.69
N LYS B 332 -13.80 15.85 29.75
CA LYS B 332 -13.06 14.59 29.77
C LYS B 332 -11.83 14.60 30.70
N GLY B 333 -11.62 15.72 31.38
CA GLY B 333 -10.55 15.83 32.38
C GLY B 333 -9.19 16.29 31.86
N PHE B 334 -9.15 16.87 30.66
CA PHE B 334 -7.89 17.39 30.15
C PHE B 334 -7.50 18.67 30.89
N ASP B 335 -6.19 18.91 31.01
CA ASP B 335 -5.68 20.11 31.69
C ASP B 335 -5.45 21.24 30.70
N VAL B 336 -5.12 20.87 29.47
CA VAL B 336 -4.78 21.85 28.43
C VAL B 336 -5.21 21.31 27.07
N PHE B 337 -5.59 22.22 26.17
CA PHE B 337 -5.93 21.88 24.80
C PHE B 337 -4.93 22.58 23.88
N ASN B 338 -4.26 21.80 23.04
CA ASN B 338 -3.20 22.32 22.16
C ASN B 338 -3.62 22.30 20.69
N ALA B 339 -3.26 23.35 19.97
CA ALA B 339 -3.50 23.43 18.53
C ALA B 339 -2.34 24.13 17.83
N LEU B 340 -2.12 23.78 16.56
CA LEU B 340 -1.16 24.50 15.74
C LEU B 340 -1.85 25.66 15.04
N ASP B 341 -1.07 26.56 14.44
CA ASP B 341 -1.65 27.70 13.70
C ASP B 341 -1.90 27.38 12.23
N LEU B 342 -1.96 26.09 11.89
CA LEU B 342 -2.22 25.67 10.52
C LEU B 342 -3.71 25.66 10.16
N MET B 343 -4.03 25.24 8.93
CA MET B 343 -5.39 25.30 8.37
C MET B 343 -6.05 26.67 8.68
N GLU B 344 -7.30 26.67 9.14
CA GLU B 344 -7.99 27.93 9.47
C GLU B 344 -7.89 28.27 10.96
N ASN B 345 -6.93 27.63 11.65
CA ASN B 345 -6.84 27.73 13.10
C ASN B 345 -6.64 29.18 13.61
N LYS B 346 -5.90 29.99 12.86
CA LYS B 346 -5.71 31.41 13.25
C LYS B 346 -7.02 32.21 13.39
N THR B 347 -8.08 31.72 12.74
CA THR B 347 -9.40 32.36 12.86
C THR B 347 -10.07 32.19 14.22
N PHE B 348 -9.60 31.26 15.05
CA PHE B 348 -10.20 31.02 16.38
C PHE B 348 -9.24 31.04 17.57
N LEU B 349 -7.94 30.92 17.34
CA LEU B 349 -6.98 30.78 18.45
C LEU B 349 -7.07 31.91 19.48
N GLU B 350 -6.94 33.15 19.03
CA GLU B 350 -6.98 34.30 19.96
C GLU B 350 -8.37 34.51 20.56
N LYS B 351 -9.39 34.36 19.71
CA LYS B 351 -10.78 34.54 20.14
C LYS B 351 -11.17 33.58 21.26
N LEU B 352 -10.61 32.38 21.24
CA LEU B 352 -10.92 31.37 22.26
C LEU B 352 -9.90 31.33 23.40
N LYS B 353 -9.07 32.38 23.50
CA LYS B 353 -8.14 32.56 24.63
C LYS B 353 -6.97 31.58 24.64
N PHE B 354 -6.59 31.07 23.47
CA PHE B 354 -5.34 30.31 23.33
C PHE B 354 -4.19 31.30 23.53
N GLY B 355 -3.08 30.81 24.09
CA GLY B 355 -1.85 31.59 24.19
C GLY B 355 -0.76 30.95 23.35
N ILE B 356 0.07 31.79 22.71
CA ILE B 356 1.16 31.31 21.87
C ILE B 356 2.19 30.53 22.69
N GLY B 357 2.67 29.42 22.14
CA GLY B 357 3.70 28.61 22.82
C GLY B 357 5.10 29.01 22.38
N ASP B 358 6.09 28.35 22.96
CA ASP B 358 7.48 28.56 22.56
C ASP B 358 7.82 27.54 21.48
N GLY B 359 8.81 27.84 20.65
CA GLY B 359 9.25 26.88 19.62
C GLY B 359 8.24 26.57 18.51
N ASN B 360 8.78 26.13 17.38
CA ASN B 360 7.99 25.90 16.18
C ASN B 360 7.81 24.41 15.92
N LEU B 361 6.90 24.09 15.01
CA LEU B 361 6.87 22.78 14.38
C LEU B 361 7.08 22.99 12.89
N GLN B 362 8.21 22.51 12.39
CA GLN B 362 8.58 22.67 11.00
C GLN B 362 8.10 21.47 10.20
N TYR B 363 7.54 21.72 9.02
CA TYR B 363 7.09 20.65 8.13
C TYR B 363 8.09 20.46 7.01
N TYR B 364 8.41 19.20 6.69
CA TYR B 364 9.41 18.88 5.67
C TYR B 364 8.91 17.81 4.71
N LEU B 365 9.41 17.87 3.48
CA LEU B 365 9.30 16.77 2.52
C LEU B 365 10.70 16.25 2.19
N TYR B 366 10.82 14.93 2.00
CA TYR B 366 12.08 14.33 1.60
C TYR B 366 12.00 13.98 0.12
N ASN B 367 12.96 14.46 -0.67
CA ASN B 367 13.01 14.20 -2.13
C ASN B 367 11.81 14.74 -2.90
N TRP B 368 11.31 15.91 -2.47
CA TRP B 368 10.31 16.64 -3.21
C TRP B 368 10.51 18.12 -2.98
N LYS B 369 11.02 18.79 -4.02
CA LYS B 369 11.28 20.22 -3.95
C LYS B 369 10.08 20.97 -4.51
N CYS B 370 9.60 21.93 -3.73
CA CYS B 370 8.42 22.73 -4.07
C CYS B 370 8.48 24.05 -3.30
N PRO B 371 7.67 25.06 -3.71
CA PRO B 371 7.67 26.33 -2.98
C PRO B 371 7.19 26.13 -1.54
N SER B 372 7.76 26.88 -0.60
CA SER B 372 7.27 26.85 0.76
C SER B 372 5.91 27.53 0.83
N MET B 373 5.16 27.25 1.90
CA MET B 373 3.82 27.80 2.05
C MET B 373 3.65 28.37 3.45
N GLY B 374 2.64 29.22 3.63
CA GLY B 374 2.31 29.73 4.94
C GLY B 374 1.61 28.66 5.76
N ALA B 375 1.61 28.84 7.07
CA ALA B 375 0.98 27.91 8.01
C ALA B 375 -0.48 27.65 7.68
N GLU B 376 -1.19 28.68 7.23
CA GLU B 376 -2.62 28.56 6.90
C GLU B 376 -2.91 27.62 5.72
N LYS B 377 -1.87 27.29 4.93
CA LYS B 377 -2.01 26.37 3.80
C LYS B 377 -1.54 24.94 4.09
N VAL B 378 -0.97 24.72 5.27
CA VAL B 378 -0.61 23.37 5.73
C VAL B 378 -1.90 22.71 6.24
N GLY B 379 -2.25 21.55 5.67
CA GLY B 379 -3.46 20.84 6.08
C GLY B 379 -3.20 19.41 6.47
N LEU B 380 -2.13 19.21 7.23
CA LEU B 380 -1.68 17.88 7.63
C LEU B 380 -1.30 17.89 9.10
N VAL B 381 -1.85 16.97 9.88
CA VAL B 381 -1.53 16.87 11.29
C VAL B 381 -1.03 15.46 11.58
N LEU B 382 0.15 15.39 12.20
CA LEU B 382 0.76 14.10 12.57
CA LEU B 382 0.77 14.11 12.57
C LEU B 382 0.75 13.95 14.09
N GLN B 383 0.82 12.70 14.56
CA GLN B 383 0.73 12.42 16.00
C GLN B 383 2.04 12.69 16.75
S1 MYA C . -10.87 -14.51 -15.71
C2 MYA C . -11.17 -16.23 -15.17
C3 MYA C . -12.67 -16.49 -15.06
N4 MYA C . -12.88 -17.83 -14.51
C5 MYA C . -13.15 -18.89 -15.27
O5 MYA C . -13.25 -18.86 -16.49
C6 MYA C . -13.32 -20.19 -14.47
C7 MYA C . -14.44 -21.12 -14.95
N8 MYA C . -15.60 -20.29 -15.25
C9 MYA C . -16.39 -19.76 -14.33
O9 MYA C . -16.27 -19.93 -13.11
C10 MYA C . -17.38 -18.81 -15.02
O10 MYA C . -18.61 -19.44 -15.39
C11 MYA C . -17.50 -17.39 -14.41
C12 MYA C . -18.84 -16.73 -14.78
C13 MYA C . -16.41 -16.59 -15.10
C14 MYA C . -17.30 -17.32 -12.87
N1A MYA C . -14.83 -11.80 -16.51
O1A MYA C . -22.79 -15.72 -12.86
P1A MYA C . -23.02 -15.50 -14.31
C1X MYA C . -19.92 -12.06 -17.20
C2A MYA C . -15.75 -10.85 -16.33
O2A MYA C . -24.52 -15.89 -14.73
P2A MYA C . -21.31 -17.70 -14.67
C2M MYA C . -10.62 -13.71 -14.18
O2M MYA C . -10.51 -14.35 -13.14
C2X MYA C . -20.86 -12.33 -18.36
O2X MYA C . -20.51 -11.52 -19.47
N3A MYA C . -17.03 -11.08 -16.56
O3A MYA C . -22.01 -16.36 -15.22
C3M MYA C . -10.65 -12.18 -14.15
C3X MYA C . -22.16 -11.87 -17.74
O3X MYA C . -22.22 -10.44 -17.75
P3X MYA C . -23.08 -9.71 -18.90
C4A MYA C . -17.44 -12.29 -16.96
O4A MYA C . -20.92 -18.48 -16.02
C4M MYA C . -12.06 -11.74 -13.72
C4X MYA C . -22.04 -12.33 -16.29
O4X MYA C . -20.64 -12.63 -16.07
C5A MYA C . -16.52 -13.30 -17.15
O5A MYA C . -22.12 -18.47 -13.71
C5M MYA C . -12.26 -10.25 -13.91
C5X MYA C . -22.81 -13.63 -16.11
O5X MYA C . -22.78 -14.00 -14.75
C6A MYA C . -15.18 -13.03 -16.91
N6A MYA C . -14.26 -13.98 -17.08
O6A MYA C . -19.91 -17.27 -13.99
C6M MYA C . -13.64 -9.83 -13.37
N7A MYA C . -17.17 -14.39 -17.55
O7A MYA C . -22.72 -10.20 -20.25
C7M MYA C . -13.89 -8.32 -13.56
C8A MYA C . -18.47 -14.08 -17.62
O8A MYA C . -24.61 -9.98 -18.50
C8M MYA C . -13.18 -7.50 -12.46
N9A MYA C . -18.63 -12.80 -17.26
O9A MYA C . -22.87 -8.14 -18.71
C9M MYA C . -13.43 -6.00 -12.66
CAM MYA C . -12.59 -5.14 -11.69
CBM MYA C . -13.19 -5.18 -10.27
CCM MYA C . -12.37 -4.38 -9.25
CDM MYA C . -12.50 -2.85 -9.44
CEM MYA C . -11.72 -2.08 -8.37
CFM MYA C . -11.68 -0.57 -8.68
CAA 646 D . -3.29 -26.55 -21.81
CAB 646 D . -7.57 -23.69 -21.88
CAC 646 D . -7.12 -25.02 -19.17
OAD 646 D . -4.44 -23.08 -25.54
OAE 646 D . -2.93 -23.37 -23.69
CLF 646 D . -6.96 -21.92 -25.23
CLG 646 D . -3.26 -22.20 -21.26
CAH 646 D . -9.34 -17.95 -20.50
CAI 646 D . -8.59 -18.82 -21.29
CAJ 646 D . -7.01 -20.40 -23.00
CAK 646 D . -5.38 -20.54 -21.25
CAL 646 D . -6.69 -18.37 -19.90
CAM 646 D . -5.01 -16.00 -16.75
CAN 646 D . -7.35 -15.57 -15.92
CAO 646 D . -5.65 -17.21 -17.44
CAP 646 D . -7.71 -15.69 -17.42
NAQ 646 D . -8.78 -17.33 -19.46
NAR 646 D . -5.19 -25.87 -20.30
NAS 646 D . -5.89 -15.47 -15.69
NAT 646 D . -5.09 -24.67 -23.62
CAU 646 D . -4.59 -25.81 -21.49
CAV 646 D . -6.40 -24.60 -21.52
CAW 646 D . -6.33 -21.40 -23.71
CAX 646 D . -4.69 -21.54 -21.95
CAY 646 D . -7.24 -19.00 -21.03
CAZ 646 D . -6.53 -19.94 -21.77
CBA 646 D . -7.49 -17.50 -19.14
CBB 646 D . -5.34 -24.99 -22.33
CBC 646 D . -5.15 -21.96 -23.19
NBD 646 D . -6.96 -16.82 -18.03
NBE 646 D . -6.21 -25.17 -20.33
SBF 646 D . -4.32 -23.27 -24.06
S1 MYA E . 11.02 14.51 15.08
C2 MYA E . 11.24 13.92 16.80
C3 MYA E . 12.73 13.83 17.14
N4 MYA E . 12.88 13.23 18.47
C5 MYA E . 13.10 13.94 19.57
O5 MYA E . 13.16 15.16 19.61
C6 MYA E . 13.21 13.10 20.86
C7 MYA E . 14.31 13.59 21.84
N8 MYA E . 15.49 13.86 21.03
C9 MYA E . 16.26 12.92 20.50
O9 MYA E . 16.10 11.69 20.62
C10 MYA E . 17.29 13.61 19.58
O10 MYA E . 18.43 14.12 20.25
C11 MYA E . 17.46 13.01 18.16
C12 MYA E . 18.83 13.37 17.54
C13 MYA E . 16.41 13.74 17.35
C14 MYA E . 17.23 11.50 17.99
N1A MYA E . 15.05 15.41 12.61
O1A MYA E . 22.69 11.29 16.54
P1A MYA E . 22.99 12.74 16.43
C1X MYA E . 20.15 15.97 12.96
C2A MYA E . 15.97 15.25 11.67
O2A MYA E . 24.48 13.11 16.85
P2A MYA E . 21.25 13.11 18.62
C2M MYA E . 10.72 13.02 14.18
O2M MYA E . 10.47 11.95 14.73
C2X MYA E . 21.11 17.08 13.35
O2X MYA E . 20.83 18.26 12.61
N3A MYA E . 17.26 15.44 11.90
O3A MYA E . 22.04 13.69 17.34
C3M MYA E . 10.83 13.08 12.68
C3X MYA E . 22.43 16.45 12.91
O3X MYA E . 22.56 16.46 11.48
P3X MYA E . 23.43 17.63 10.79
C4A MYA E . 17.66 15.78 13.14
O4A MYA E . 20.78 14.38 19.46
C4M MYA E . 12.24 12.57 12.29
C4X MYA E . 22.24 14.99 13.32
O4X MYA E . 20.81 14.77 13.41
C5A MYA E . 16.73 15.96 14.16
O5A MYA E . 21.99 12.11 19.41
C5M MYA E . 12.51 12.84 10.82
C5X MYA E . 22.88 14.71 14.69
O5X MYA E . 22.76 13.32 14.96
C6A MYA E . 15.39 15.76 13.86
N6A MYA E . 14.46 15.92 14.82
O6A MYA E . 19.86 12.51 18.03
C6M MYA E . 13.86 12.25 10.39
N7A MYA E . 17.38 16.32 15.27
O7A MYA E . 23.06 18.95 11.35
C7M MYA E . 14.15 12.50 8.90
C8A MYA E . 18.68 16.35 14.97
O8A MYA E . 24.96 17.20 11.08
C8M MYA E . 13.31 11.59 7.98
N9A MYA E . 18.85 16.04 13.68
O9A MYA E . 23.17 17.49 9.22
C9M MYA E . 13.71 11.81 6.50
CAM MYA E . 12.87 10.91 5.57
CBM MYA E . 13.41 9.47 5.55
CCM MYA E . 12.52 8.56 4.71
CDM MYA E . 12.75 8.75 3.20
CEM MYA E . 12.03 7.65 2.40
CFM MYA E . 12.12 7.91 0.89
CAA 646 F . 2.95 20.52 27.02
CAB 646 F . 7.30 20.15 24.33
CAC 646 F . 6.66 17.52 25.81
OAD 646 F . 4.45 24.05 23.52
OAE 646 F . 2.86 22.24 23.59
CLF 646 F . 6.86 23.84 22.38
CLG 646 F . 3.34 19.73 22.73
CAH 646 F . 9.56 19.01 18.70
CAI 646 F . 8.79 19.80 19.54
CAJ 646 F . 7.08 21.56 20.97
CAK 646 F . 5.52 19.73 21.13
CAL 646 F . 6.88 18.46 18.98
CAM 646 F . 5.20 15.23 16.67
CAN 646 F . 7.36 14.71 15.75
CAO 646 F . 5.71 16.27 17.66
CAP 646 F . 8.04 15.87 16.47
NAQ 646 F . 9.01 18.00 18.03
NAR 646 F . 4.78 18.84 26.52
NAS 646 F . 6.22 14.18 16.54
NAT 646 F . 4.88 22.09 25.13
CAU 646 F . 4.25 20.06 26.36
CAV 646 F . 6.09 19.92 25.22
CAW 646 F . 6.34 22.27 21.91
CAX 646 F . 4.77 20.44 22.06
CAY 646 F . 7.42 19.55 19.66
CAZ 646 F . 6.66 20.30 20.56
CBA 646 F . 7.70 17.70 18.14
CBB 646 F . 5.06 20.81 25.52
CBC 646 F . 5.17 21.71 22.44
NBD 646 F . 7.15 16.62 17.42
NBE 646 F . 5.82 18.76 25.86
SBF 646 F . 4.25 22.58 23.67
#